data_4X8I
#
_entry.id   4X8I
#
_cell.length_a   203.908
_cell.length_b   203.908
_cell.length_c   112.443
_cell.angle_alpha   90.00
_cell.angle_beta   90.00
_cell.angle_gamma   90.00
#
_symmetry.space_group_name_H-M   'I 41 2 2'
#
loop_
_entity.id
_entity.type
_entity.pdbx_description
1 polymer 'Lysyl aminopeptidase'
2 non-polymer 'ZINC ION'
3 non-polymer 'COBALT (II) ION'
4 non-polymer 'CHLORIDE ION'
5 non-polymer 'GADOLINIUM ATOM'
6 non-polymer '10-((2R)-2-HYDROXYPROPYL)-1,4,7,10-TETRAAZACYCLODODECANE 1,4,7-TRIACETIC ACID'
7 water water
#
_entity_poly.entity_id   1
_entity_poly.type   'polypeptide(L)'
_entity_poly.pdbx_seq_one_letter_code
;MVDWELMKKIIESPGVSGYEHLGIRDLVVDILKDVADEVKIDKLGNVIAHFKGSAPKVMVAAHMDKIGLMVNHIDKDGYL
RVVPIGGVLPETLIAQKIRFFTEKGERYGVVGVLPPHLRREAKDQGGKIDWDSIIVDVGASSREEAEEMGFRIGTIGEFA
PNFTRLSEHRFATPYLDDRICLYAMIEAARQLGEHEADIYIVASVQEEIGLRGARVASFAIDPEVGIAMDVTFAKQPNDK
GKIVPELGKGPVMDVGPNINPKLRQFADEVAKKYEIPLQVEPSPRPTGTDANVMQINREGVATAVLSIPIRYMHSQVELA
DARDVDNTIKLAKALLEELKPMDFTP
;
_entity_poly.pdbx_strand_id   A,B,C
#
loop_
_chem_comp.id
_chem_comp.type
_chem_comp.name
_chem_comp.formula
CL non-polymer 'CHLORIDE ION' 'Cl -1'
CO non-polymer 'COBALT (II) ION' 'Co 2'
DO3 non-polymer '10-((2R)-2-HYDROXYPROPYL)-1,4,7,10-TETRAAZACYCLODODECANE 1,4,7-TRIACETIC ACID' 'C17 H32 N4 O7'
GD non-polymer 'GADOLINIUM ATOM' Gd
ZN non-polymer 'ZINC ION' 'Zn 2'
#
# COMPACT_ATOMS: atom_id res chain seq x y z
N MET A 1 30.40 -3.71 -25.83
CA MET A 1 30.22 -5.15 -26.04
C MET A 1 29.26 -5.83 -25.05
N VAL A 2 28.46 -6.78 -25.55
CA VAL A 2 27.53 -7.56 -24.74
C VAL A 2 27.97 -9.01 -24.70
N ASP A 3 27.94 -9.62 -23.52
CA ASP A 3 28.32 -11.02 -23.39
C ASP A 3 27.10 -11.91 -23.50
N TRP A 4 26.86 -12.41 -24.71
CA TRP A 4 25.66 -13.21 -25.00
C TRP A 4 25.55 -14.45 -24.14
N GLU A 5 26.67 -15.13 -23.90
CA GLU A 5 26.64 -16.35 -23.12
C GLU A 5 26.28 -16.05 -21.66
N LEU A 6 26.83 -14.97 -21.11
CA LEU A 6 26.55 -14.63 -19.72
C LEU A 6 25.14 -14.07 -19.55
N MET A 7 24.73 -13.25 -20.51
CA MET A 7 23.39 -12.71 -20.49
C MET A 7 22.35 -13.86 -20.51
N LYS A 8 22.51 -14.79 -21.44
CA LYS A 8 21.61 -15.94 -21.51
C LYS A 8 21.54 -16.71 -20.18
N LYS A 9 22.69 -16.87 -19.55
CA LYS A 9 22.77 -17.68 -18.36
C LYS A 9 22.02 -17.01 -17.23
N ILE A 10 22.18 -15.70 -17.15
CA ILE A 10 21.53 -14.93 -16.10
C ILE A 10 20.04 -14.89 -16.34
N ILE A 11 19.63 -14.78 -17.59
CA ILE A 11 18.21 -14.77 -17.93
C ILE A 11 17.53 -16.06 -17.56
N GLU A 12 18.17 -17.18 -17.82
CA GLU A 12 17.51 -18.48 -17.69
C GLU A 12 17.70 -19.16 -16.34
N SER A 13 18.44 -18.52 -15.43
CA SER A 13 18.60 -19.08 -14.11
C SER A 13 17.28 -18.97 -13.30
N PRO A 14 16.90 -20.05 -12.62
CA PRO A 14 15.64 -20.16 -11.86
C PRO A 14 15.45 -19.07 -10.80
N GLY A 15 14.22 -18.60 -10.60
CA GLY A 15 13.94 -17.63 -9.54
C GLY A 15 12.65 -16.86 -9.66
N VAL A 16 11.54 -17.49 -9.31
CA VAL A 16 10.26 -16.79 -9.25
C VAL A 16 10.21 -16.02 -7.94
N SER A 17 9.36 -14.98 -7.89
CA SER A 17 9.13 -14.22 -6.67
C SER A 17 8.97 -15.11 -5.46
N GLY A 18 9.81 -14.89 -4.45
CA GLY A 18 9.83 -15.69 -3.23
C GLY A 18 10.66 -16.96 -3.31
N TYR A 19 11.17 -17.28 -4.50
CA TYR A 19 11.92 -18.50 -4.73
C TYR A 19 13.15 -18.19 -5.54
N GLU A 20 13.70 -17.01 -5.30
CA GLU A 20 14.88 -16.54 -5.98
C GLU A 20 16.10 -17.35 -5.56
N HIS A 21 15.94 -18.15 -4.51
CA HIS A 21 17.04 -18.97 -4.03
C HIS A 21 17.22 -20.25 -4.84
N LEU A 22 16.31 -20.51 -5.77
CA LEU A 22 16.36 -21.74 -6.54
C LEU A 22 17.44 -21.66 -7.62
N GLY A 23 18.12 -20.52 -7.73
CA GLY A 23 19.18 -20.44 -8.69
C GLY A 23 19.84 -19.10 -8.84
N ILE A 24 19.04 -18.08 -9.13
CA ILE A 24 19.58 -16.80 -9.53
C ILE A 24 20.38 -16.14 -8.41
N ARG A 25 19.99 -16.39 -7.16
CA ARG A 25 20.67 -15.76 -6.04
C ARG A 25 22.15 -16.15 -6.01
N ASP A 26 22.43 -17.44 -6.09
CA ASP A 26 23.82 -17.90 -6.03
C ASP A 26 24.62 -17.50 -7.27
N LEU A 27 23.97 -17.50 -8.44
CA LEU A 27 24.66 -17.07 -9.65
C LEU A 27 25.10 -15.63 -9.47
N VAL A 28 24.22 -14.81 -8.89
CA VAL A 28 24.56 -13.42 -8.63
C VAL A 28 25.66 -13.31 -7.58
N VAL A 29 25.50 -14.02 -6.47
CA VAL A 29 26.53 -14.01 -5.44
C VAL A 29 27.88 -14.45 -6.03
N ASP A 30 27.86 -15.48 -6.88
CA ASP A 30 29.10 -16.00 -7.43
C ASP A 30 29.82 -14.99 -8.33
N ILE A 31 29.06 -14.17 -9.06
CA ILE A 31 29.67 -13.22 -9.97
C ILE A 31 30.21 -11.97 -9.25
N LEU A 32 29.49 -11.47 -8.26
CA LEU A 32 29.87 -10.19 -7.65
C LEU A 32 30.87 -10.34 -6.49
N LYS A 33 31.01 -11.53 -5.94
CA LYS A 33 31.97 -11.77 -4.86
C LYS A 33 33.40 -11.44 -5.32
N ASP A 34 33.62 -11.54 -6.62
CA ASP A 34 34.91 -11.31 -7.22
C ASP A 34 35.28 -9.84 -7.35
N VAL A 35 34.29 -8.94 -7.40
CA VAL A 35 34.54 -7.51 -7.65
C VAL A 35 34.14 -6.64 -6.49
N ALA A 36 33.24 -7.14 -5.65
CA ALA A 36 32.72 -6.39 -4.52
C ALA A 36 33.56 -6.54 -3.25
N ASP A 37 33.53 -5.50 -2.42
CA ASP A 37 34.19 -5.56 -1.11
C ASP A 37 33.50 -6.54 -0.18
N GLU A 38 32.20 -6.67 -0.36
CA GLU A 38 31.42 -7.38 0.60
C GLU A 38 30.11 -7.82 -0.02
N VAL A 39 29.65 -9.01 0.29
CA VAL A 39 28.38 -9.50 -0.23
C VAL A 39 27.55 -10.17 0.85
N LYS A 40 26.31 -9.69 1.04
CA LYS A 40 25.43 -10.24 2.09
C LYS A 40 24.12 -10.71 1.49
N ILE A 41 23.43 -11.60 2.19
CA ILE A 41 22.08 -12.04 1.84
C ILE A 41 21.15 -11.77 3.03
N ASP A 42 20.09 -11.00 2.85
CA ASP A 42 19.22 -10.66 3.98
C ASP A 42 18.09 -11.68 4.18
N LYS A 43 17.21 -11.42 5.13
CA LYS A 43 16.22 -12.43 5.53
C LYS A 43 15.21 -12.74 4.42
N LEU A 44 15.04 -11.80 3.49
CA LEU A 44 14.13 -12.02 2.36
C LEU A 44 14.81 -12.56 1.10
N GLY A 45 16.14 -12.52 1.06
CA GLY A 45 16.86 -13.11 -0.04
C GLY A 45 17.53 -12.12 -0.97
N ASN A 46 17.40 -10.84 -0.68
CA ASN A 46 18.10 -9.82 -1.43
C ASN A 46 19.57 -10.11 -1.41
N VAL A 47 20.24 -9.95 -2.54
CA VAL A 47 21.69 -9.95 -2.54
C VAL A 47 22.17 -8.51 -2.51
N ILE A 48 22.85 -8.15 -1.44
CA ILE A 48 23.38 -6.81 -1.28
C ILE A 48 24.89 -6.84 -1.34
N ALA A 49 25.45 -6.20 -2.36
CA ALA A 49 26.90 -6.20 -2.60
C ALA A 49 27.49 -4.81 -2.40
N HIS A 50 28.43 -4.68 -1.47
CA HIS A 50 29.02 -3.38 -1.13
C HIS A 50 30.28 -3.06 -1.94
N PHE A 51 30.27 -1.89 -2.57
CA PHE A 51 31.41 -1.36 -3.30
C PHE A 51 31.83 -0.08 -2.60
N LYS A 52 32.74 -0.22 -1.64
CA LYS A 52 33.09 0.82 -0.68
C LYS A 52 33.43 2.16 -1.32
N GLY A 53 33.07 3.24 -0.65
CA GLY A 53 33.33 4.56 -1.19
C GLY A 53 33.03 5.61 -0.15
N SER A 54 33.02 6.86 -0.57
CA SER A 54 32.91 7.96 0.35
C SER A 54 31.46 8.43 0.56
N ALA A 55 30.92 9.09 -0.46
CA ALA A 55 29.59 9.70 -0.41
C ALA A 55 29.22 10.21 -1.80
N PRO A 56 27.92 10.23 -2.15
CA PRO A 56 26.77 9.79 -1.35
C PRO A 56 26.64 8.30 -1.28
N LYS A 57 25.79 7.83 -0.37
CA LYS A 57 25.46 6.43 -0.29
C LYS A 57 24.41 6.17 -1.35
N VAL A 58 24.73 5.27 -2.30
CA VAL A 58 23.90 4.99 -3.48
C VAL A 58 23.39 3.56 -3.54
N MET A 59 22.08 3.37 -3.60
CA MET A 59 21.54 2.02 -3.82
C MET A 59 21.10 1.86 -5.28
N VAL A 60 21.51 0.76 -5.89
CA VAL A 60 21.07 0.40 -7.22
C VAL A 60 20.36 -0.94 -7.14
N ALA A 61 19.17 -1.05 -7.75
CA ALA A 61 18.35 -2.25 -7.64
C ALA A 61 17.88 -2.75 -8.99
N ALA A 62 18.16 -4.02 -9.26
CA ALA A 62 17.63 -4.73 -10.42
C ALA A 62 17.04 -6.02 -9.87
N HIS A 63 15.75 -6.27 -10.13
CA HIS A 63 15.10 -7.38 -9.41
C HIS A 63 15.43 -8.70 -10.06
N MET A 64 15.66 -9.71 -9.23
CA MET A 64 16.03 -11.01 -9.80
C MET A 64 14.87 -12.03 -9.79
N ASP A 65 13.71 -11.64 -9.26
CA ASP A 65 12.55 -12.53 -9.32
C ASP A 65 11.86 -12.48 -10.69
N LYS A 66 11.35 -13.62 -11.14
CA LYS A 66 10.54 -13.75 -12.36
C LYS A 66 9.09 -13.94 -12.01
N ILE A 67 8.18 -13.53 -12.88
CA ILE A 67 6.80 -13.95 -12.69
C ILE A 67 6.72 -15.45 -12.97
N GLY A 68 5.75 -16.12 -12.36
CA GLY A 68 5.65 -17.55 -12.53
C GLY A 68 4.33 -18.15 -12.09
N LEU A 69 4.37 -19.41 -11.72
CA LEU A 69 3.16 -20.17 -11.43
C LEU A 69 3.34 -21.05 -10.19
N MET A 70 2.26 -21.30 -9.49
CA MET A 70 2.28 -22.22 -8.38
C MET A 70 1.20 -23.26 -8.59
N VAL A 71 1.53 -24.53 -8.35
CA VAL A 71 0.54 -25.58 -8.42
C VAL A 71 -0.35 -25.52 -7.20
N ASN A 72 -1.66 -25.47 -7.39
CA ASN A 72 -2.56 -25.48 -6.24
C ASN A 72 -3.55 -26.62 -6.25
N HIS A 73 -3.37 -27.57 -7.17
CA HIS A 73 -4.21 -28.77 -7.23
C HIS A 73 -3.70 -29.87 -8.17
N ILE A 74 -3.94 -31.12 -7.80
CA ILE A 74 -3.61 -32.26 -8.64
C ILE A 74 -4.81 -33.20 -8.68
N ASP A 75 -5.39 -33.40 -9.86
CA ASP A 75 -6.65 -34.16 -9.94
C ASP A 75 -6.39 -35.65 -10.13
N LYS A 76 -7.46 -36.45 -10.18
CA LYS A 76 -7.29 -37.91 -10.21
C LYS A 76 -6.47 -38.37 -11.41
N ASP A 77 -6.59 -37.65 -12.53
CA ASP A 77 -5.93 -38.02 -13.79
C ASP A 77 -4.53 -37.43 -13.95
N GLY A 78 -4.06 -36.76 -12.91
CA GLY A 78 -2.69 -36.31 -12.88
C GLY A 78 -2.45 -34.96 -13.51
N TYR A 79 -3.51 -34.20 -13.77
CA TYR A 79 -3.37 -32.84 -14.29
C TYR A 79 -3.15 -31.84 -13.16
N LEU A 80 -2.45 -30.76 -13.47
CA LEU A 80 -2.19 -29.71 -12.49
C LEU A 80 -3.10 -28.52 -12.75
N ARG A 81 -3.52 -27.86 -11.67
CA ARG A 81 -4.14 -26.55 -11.80
C ARG A 81 -3.15 -25.57 -11.21
N VAL A 82 -2.98 -24.43 -11.86
CA VAL A 82 -2.02 -23.46 -11.37
C VAL A 82 -2.64 -22.10 -11.20
N VAL A 83 -1.90 -21.27 -10.47
CA VAL A 83 -2.26 -19.89 -10.20
C VAL A 83 -1.01 -19.04 -10.38
N PRO A 84 -1.20 -17.77 -10.81
CA PRO A 84 -0.08 -16.89 -11.14
C PRO A 84 0.61 -16.33 -9.91
N ILE A 85 1.95 -16.25 -9.96
CA ILE A 85 2.74 -15.45 -9.04
C ILE A 85 3.21 -14.24 -9.86
N GLY A 86 2.64 -13.07 -9.61
CA GLY A 86 2.89 -11.91 -10.45
C GLY A 86 1.93 -11.80 -11.63
N GLY A 87 2.13 -10.77 -12.46
CA GLY A 87 1.21 -10.46 -13.53
C GLY A 87 1.29 -11.32 -14.77
N VAL A 88 1.10 -12.62 -14.59
CA VAL A 88 1.00 -13.57 -15.69
C VAL A 88 -0.30 -13.40 -16.46
N LEU A 89 -0.25 -13.30 -17.78
CA LEU A 89 -1.48 -13.33 -18.60
C LEU A 89 -1.83 -14.74 -19.06
N PRO A 90 -3.06 -15.20 -18.77
CA PRO A 90 -3.48 -16.57 -19.11
C PRO A 90 -3.41 -16.79 -20.62
N GLU A 91 -3.70 -15.72 -21.35
CA GLU A 91 -3.55 -15.68 -22.77
C GLU A 91 -2.15 -16.12 -23.21
N THR A 92 -1.14 -15.83 -22.42
CA THR A 92 0.22 -16.24 -22.79
C THR A 92 0.50 -17.68 -22.38
N LEU A 93 -0.51 -18.41 -21.90
CA LEU A 93 -0.27 -19.79 -21.50
C LEU A 93 -0.75 -20.85 -22.51
N ILE A 94 -1.70 -20.50 -23.37
CA ILE A 94 -2.24 -21.42 -24.38
C ILE A 94 -1.14 -22.06 -25.23
N ALA A 95 -1.10 -23.39 -25.25
CA ALA A 95 -0.10 -24.16 -26.01
C ALA A 95 1.34 -23.74 -25.68
N GLN A 96 1.65 -23.67 -24.39
CA GLN A 96 3.01 -23.28 -24.00
C GLN A 96 3.64 -24.36 -23.10
N LYS A 97 4.96 -24.40 -23.05
CA LYS A 97 5.64 -25.36 -22.18
C LYS A 97 6.03 -24.71 -20.86
N ILE A 98 5.80 -25.42 -19.76
CA ILE A 98 6.14 -24.87 -18.46
C ILE A 98 7.26 -25.70 -17.83
N ARG A 99 8.24 -25.01 -17.26
CA ARG A 99 9.34 -25.60 -16.52
C ARG A 99 9.05 -25.62 -15.01
N PHE A 100 8.97 -26.81 -14.41
CA PHE A 100 8.66 -26.94 -12.98
C PHE A 100 9.83 -27.38 -12.12
N PHE A 101 9.90 -26.84 -10.91
CA PHE A 101 10.97 -27.16 -9.97
C PHE A 101 10.40 -28.08 -8.88
N THR A 102 10.51 -29.37 -9.11
CA THR A 102 9.97 -30.38 -8.21
C THR A 102 10.99 -30.83 -7.20
N GLU A 103 10.59 -31.77 -6.37
CA GLU A 103 11.45 -32.25 -5.30
C GLU A 103 12.45 -33.25 -5.84
N LYS A 104 12.21 -33.73 -7.05
CA LYS A 104 13.12 -34.68 -7.67
C LYS A 104 13.84 -34.08 -8.86
N GLY A 105 13.87 -32.75 -8.94
CA GLY A 105 14.57 -32.06 -10.01
C GLY A 105 13.63 -31.34 -10.95
N GLU A 106 14.18 -30.71 -11.99
CA GLU A 106 13.37 -29.95 -12.94
C GLU A 106 12.55 -30.87 -13.84
N ARG A 107 11.28 -30.52 -13.99
CA ARG A 107 10.38 -31.26 -14.87
C ARG A 107 9.62 -30.32 -15.81
N TYR A 108 9.01 -30.87 -16.86
CA TYR A 108 8.27 -30.02 -17.79
C TYR A 108 6.78 -30.37 -17.87
N GLY A 109 5.98 -29.36 -18.17
CA GLY A 109 4.56 -29.53 -18.33
C GLY A 109 4.09 -28.73 -19.53
N VAL A 110 2.82 -28.88 -19.86
CA VAL A 110 2.29 -28.29 -21.06
C VAL A 110 0.87 -27.80 -20.80
N VAL A 111 0.56 -26.59 -21.24
CA VAL A 111 -0.80 -26.12 -21.04
C VAL A 111 -1.51 -26.21 -22.37
N GLY A 112 -2.55 -27.05 -22.41
CA GLY A 112 -3.16 -27.47 -23.66
C GLY A 112 -4.04 -26.45 -24.34
N VAL A 113 -4.76 -26.88 -25.37
CA VAL A 113 -5.77 -26.06 -26.00
C VAL A 113 -6.91 -27.02 -26.33
N LEU A 114 -8.13 -26.51 -26.39
CA LEU A 114 -9.29 -27.35 -26.67
C LEU A 114 -9.65 -27.24 -28.13
N PRO A 115 -9.66 -28.37 -28.86
CA PRO A 115 -10.04 -28.31 -30.28
C PRO A 115 -11.41 -27.66 -30.46
N PRO A 116 -11.56 -26.76 -31.44
CA PRO A 116 -12.72 -25.87 -31.57
C PRO A 116 -14.09 -26.54 -31.49
N HIS A 117 -14.21 -27.74 -32.06
CA HIS A 117 -15.50 -28.38 -32.17
C HIS A 117 -16.02 -28.84 -30.85
N LEU A 118 -15.28 -28.58 -29.80
CA LEU A 118 -15.68 -29.01 -28.49
C LEU A 118 -16.04 -27.85 -27.61
N ARG A 119 -15.99 -26.65 -28.17
CA ARG A 119 -16.19 -25.44 -27.39
C ARG A 119 -17.63 -25.16 -27.04
N ILE A 129 -8.06 -17.23 -22.06
CA ILE A 129 -9.20 -16.37 -21.75
C ILE A 129 -9.46 -16.33 -20.25
N ASP A 130 -9.12 -17.40 -19.55
CA ASP A 130 -9.50 -17.55 -18.16
C ASP A 130 -8.54 -18.51 -17.43
N TRP A 131 -8.49 -18.44 -16.10
CA TRP A 131 -7.56 -19.27 -15.31
C TRP A 131 -8.08 -20.69 -15.10
N ASP A 132 -9.37 -20.89 -15.28
CA ASP A 132 -9.95 -22.22 -15.15
C ASP A 132 -9.77 -23.04 -16.42
N SER A 133 -9.38 -22.39 -17.50
CA SER A 133 -9.07 -23.11 -18.74
C SER A 133 -7.60 -23.52 -18.72
N ILE A 134 -6.87 -23.05 -17.72
CA ILE A 134 -5.45 -23.36 -17.59
C ILE A 134 -5.25 -24.62 -16.79
N ILE A 135 -5.03 -25.71 -17.51
CA ILE A 135 -4.82 -27.02 -16.91
C ILE A 135 -3.50 -27.51 -17.46
N VAL A 136 -2.58 -27.89 -16.57
CA VAL A 136 -1.26 -28.33 -17.00
C VAL A 136 -1.16 -29.83 -17.14
N ASP A 137 -0.65 -30.26 -18.28
CA ASP A 137 -0.46 -31.68 -18.57
C ASP A 137 1.02 -32.00 -18.39
N VAL A 138 1.33 -32.86 -17.43
CA VAL A 138 2.73 -33.20 -17.16
C VAL A 138 3.06 -34.64 -17.55
N GLY A 139 2.17 -35.28 -18.30
CA GLY A 139 2.43 -36.62 -18.82
C GLY A 139 2.11 -37.76 -17.88
N ALA A 140 1.33 -37.49 -16.83
CA ALA A 140 0.96 -38.47 -15.82
C ALA A 140 -0.43 -38.99 -16.06
N SER A 141 -0.77 -40.15 -15.48
CA SER A 141 -2.11 -40.73 -15.67
C SER A 141 -2.96 -40.69 -14.40
N SER A 142 -2.32 -40.46 -13.26
CA SER A 142 -2.99 -40.48 -11.96
C SER A 142 -2.39 -39.42 -11.01
N ARG A 143 -3.10 -39.09 -9.94
CA ARG A 143 -2.52 -38.19 -8.94
C ARG A 143 -1.24 -38.74 -8.33
N GLU A 144 -1.21 -40.04 -8.09
CA GLU A 144 -0.07 -40.67 -7.43
C GLU A 144 1.18 -40.62 -8.28
N GLU A 145 0.98 -40.87 -9.57
CA GLU A 145 2.09 -40.85 -10.50
C GLU A 145 2.68 -39.45 -10.54
N ALA A 146 1.80 -38.46 -10.52
CA ALA A 146 2.23 -37.08 -10.52
C ALA A 146 2.98 -36.75 -9.25
N GLU A 147 2.42 -37.21 -8.14
CA GLU A 147 3.06 -37.02 -6.86
C GLU A 147 4.42 -37.70 -6.87
N GLU A 148 4.45 -38.91 -7.38
CA GLU A 148 5.69 -39.66 -7.40
C GLU A 148 6.72 -38.97 -8.30
N MET A 149 6.24 -38.21 -9.30
CA MET A 149 7.12 -37.47 -10.19
C MET A 149 7.79 -36.29 -9.48
N GLY A 150 7.22 -35.87 -8.35
CA GLY A 150 7.80 -34.78 -7.57
C GLY A 150 6.90 -33.56 -7.48
N PHE A 151 5.71 -33.66 -8.04
CA PHE A 151 4.76 -32.56 -8.02
C PHE A 151 4.01 -32.50 -6.73
N ARG A 152 3.90 -31.29 -6.20
CA ARG A 152 3.23 -31.01 -4.94
C ARG A 152 2.32 -29.82 -5.09
N ILE A 153 1.30 -29.71 -4.25
CA ILE A 153 0.69 -28.40 -4.02
C ILE A 153 1.75 -27.41 -3.54
N GLY A 154 2.03 -26.39 -4.33
CA GLY A 154 3.03 -25.41 -3.99
C GLY A 154 4.23 -25.49 -4.91
N THR A 155 4.24 -26.48 -5.82
CA THR A 155 5.34 -26.60 -6.77
C THR A 155 5.38 -25.37 -7.66
N ILE A 156 6.57 -24.83 -7.87
CA ILE A 156 6.75 -23.60 -8.65
C ILE A 156 7.12 -23.86 -10.10
N GLY A 157 6.56 -23.07 -11.01
CA GLY A 157 6.90 -23.17 -12.41
C GLY A 157 7.15 -21.84 -13.10
N GLU A 158 7.92 -21.88 -14.20
CA GLU A 158 8.26 -20.69 -14.99
C GLU A 158 7.97 -20.95 -16.46
N PHE A 159 7.93 -19.89 -17.27
CA PHE A 159 7.98 -20.07 -18.70
C PHE A 159 9.22 -20.88 -19.00
N ALA A 160 9.05 -21.89 -19.85
CA ALA A 160 10.15 -22.69 -20.29
C ALA A 160 11.13 -21.78 -20.97
N PRO A 161 12.43 -21.99 -20.73
CA PRO A 161 13.44 -21.15 -21.35
C PRO A 161 13.43 -21.28 -22.85
N ASN A 162 13.70 -20.20 -23.56
CA ASN A 162 13.74 -20.25 -25.01
C ASN A 162 14.37 -19.00 -25.56
N PHE A 163 15.70 -18.96 -25.57
CA PHE A 163 16.43 -17.78 -26.01
C PHE A 163 16.69 -17.80 -27.50
N THR A 164 16.31 -16.74 -28.20
CA THR A 164 16.49 -16.69 -29.64
C THR A 164 17.05 -15.35 -30.15
N ARG A 165 18.22 -15.39 -30.78
CA ARG A 165 18.72 -14.20 -31.46
C ARG A 165 18.05 -14.11 -32.82
N LEU A 166 17.35 -13.02 -33.07
CA LEU A 166 16.57 -12.89 -34.28
C LEU A 166 17.38 -12.22 -35.37
N SER A 167 18.08 -11.17 -34.98
CA SER A 167 18.91 -10.42 -35.91
C SER A 167 20.24 -10.11 -35.24
N GLU A 168 21.02 -9.23 -35.83
CA GLU A 168 22.30 -8.87 -35.24
C GLU A 168 22.13 -8.24 -33.86
N HIS A 169 21.10 -7.41 -33.69
CA HIS A 169 20.97 -6.66 -32.45
C HIS A 169 19.78 -7.08 -31.60
N ARG A 170 18.72 -7.57 -32.23
CA ARG A 170 17.47 -7.84 -31.50
C ARG A 170 17.30 -9.34 -31.21
N PHE A 171 16.75 -9.65 -30.03
CA PHE A 171 16.63 -11.02 -29.54
C PHE A 171 15.41 -11.13 -28.63
N ALA A 172 14.77 -12.31 -28.61
CA ALA A 172 13.55 -12.49 -27.82
C ALA A 172 13.60 -13.72 -26.91
N THR A 173 13.17 -13.56 -25.67
CA THR A 173 13.23 -14.63 -24.71
C THR A 173 12.26 -14.33 -23.58
N PRO A 174 11.77 -15.38 -22.90
CA PRO A 174 11.04 -15.07 -21.66
C PRO A 174 11.99 -14.38 -20.70
N TYR A 175 11.45 -13.52 -19.84
CA TYR A 175 12.14 -12.98 -18.67
C TYR A 175 13.30 -12.00 -18.92
N LEU A 176 13.16 -11.14 -19.92
CA LEU A 176 14.04 -9.99 -19.95
C LEU A 176 13.74 -9.13 -18.72
N ASP A 177 12.48 -9.11 -18.30
CA ASP A 177 12.07 -8.49 -17.04
C ASP A 177 12.33 -9.48 -15.90
N ASP A 178 13.37 -9.28 -15.09
CA ASP A 178 14.28 -8.14 -15.17
C ASP A 178 15.73 -8.60 -15.33
N ARG A 179 15.91 -9.80 -15.85
CA ARG A 179 17.24 -10.37 -15.95
C ARG A 179 18.12 -9.58 -16.90
N ILE A 180 17.51 -8.85 -17.82
CA ILE A 180 18.28 -8.11 -18.80
C ILE A 180 18.93 -6.89 -18.11
N CYS A 181 18.25 -6.32 -17.12
CA CYS A 181 18.83 -5.21 -16.38
C CYS A 181 19.69 -5.71 -15.22
N LEU A 182 19.34 -6.87 -14.67
CA LEU A 182 20.22 -7.50 -13.71
C LEU A 182 21.56 -7.73 -14.39
N TYR A 183 21.51 -8.23 -15.62
CA TYR A 183 22.73 -8.47 -16.39
C TYR A 183 23.46 -7.14 -16.59
N ALA A 184 22.74 -6.09 -16.97
CA ALA A 184 23.37 -4.80 -17.22
C ALA A 184 24.02 -4.21 -15.97
N MET A 185 23.33 -4.34 -14.83
CA MET A 185 23.81 -3.81 -13.58
C MET A 185 25.09 -4.54 -13.20
N ILE A 186 25.06 -5.86 -13.35
CA ILE A 186 26.18 -6.72 -13.00
C ILE A 186 27.43 -6.41 -13.83
N GLU A 187 27.25 -6.25 -15.13
CA GLU A 187 28.36 -5.85 -15.98
C GLU A 187 28.91 -4.51 -15.58
N ALA A 188 28.02 -3.57 -15.28
CA ALA A 188 28.47 -2.24 -14.90
C ALA A 188 29.30 -2.28 -13.63
N ALA A 189 28.85 -3.11 -12.67
CA ALA A 189 29.57 -3.25 -11.40
C ALA A 189 30.94 -3.87 -11.65
N ARG A 190 30.98 -4.88 -12.52
CA ARG A 190 32.23 -5.53 -12.85
C ARG A 190 33.24 -4.58 -13.45
N GLN A 191 32.77 -3.63 -14.25
CA GLN A 191 33.68 -2.72 -14.95
C GLN A 191 33.96 -1.44 -14.17
N LEU A 192 33.42 -1.36 -12.96
CA LEU A 192 33.46 -0.14 -12.16
C LEU A 192 34.87 0.33 -11.81
N GLY A 193 35.22 1.56 -12.19
CA GLY A 193 36.52 2.12 -11.86
C GLY A 193 36.55 2.92 -10.56
N GLU A 194 37.26 4.03 -10.56
CA GLU A 194 37.31 4.85 -9.37
C GLU A 194 35.97 5.53 -9.23
N HIS A 195 35.51 5.67 -8.01
CA HIS A 195 34.24 6.34 -7.76
C HIS A 195 34.21 6.96 -6.38
N GLU A 196 33.66 8.16 -6.29
CA GLU A 196 33.48 8.82 -5.01
C GLU A 196 32.29 8.27 -4.22
N ALA A 197 31.27 7.79 -4.92
CA ALA A 197 30.06 7.32 -4.26
C ALA A 197 30.33 6.03 -3.49
N ASP A 198 29.60 5.86 -2.38
CA ASP A 198 29.61 4.64 -1.59
C ASP A 198 28.48 3.71 -2.10
N ILE A 199 28.85 2.73 -2.92
CA ILE A 199 27.87 2.05 -3.76
C ILE A 199 27.38 0.70 -3.26
N TYR A 200 26.06 0.55 -3.15
CA TYR A 200 25.46 -0.76 -2.89
C TYR A 200 24.70 -1.27 -4.11
N ILE A 201 25.13 -2.42 -4.61
CA ILE A 201 24.47 -3.05 -5.73
C ILE A 201 23.52 -4.07 -5.16
N VAL A 202 22.22 -3.87 -5.34
CA VAL A 202 21.21 -4.80 -4.83
C VAL A 202 20.48 -5.57 -5.95
N ALA A 203 20.52 -6.89 -5.87
CA ALA A 203 19.70 -7.74 -6.73
C ALA A 203 18.50 -8.13 -5.90
N SER A 204 17.39 -7.44 -6.13
CA SER A 204 16.29 -7.53 -5.21
C SER A 204 15.37 -8.70 -5.48
N VAL A 205 14.52 -8.92 -4.48
CA VAL A 205 13.67 -10.07 -4.33
C VAL A 205 12.22 -9.58 -4.45
N GLN A 206 11.30 -10.44 -4.89
CA GLN A 206 9.85 -10.18 -4.83
C GLN A 206 9.34 -8.83 -5.35
N GLU A 207 9.90 -8.36 -6.45
CA GLU A 207 9.49 -7.10 -7.05
C GLU A 207 8.16 -7.16 -7.81
N GLU A 208 7.92 -8.27 -8.50
CA GLU A 208 6.73 -8.39 -9.33
C GLU A 208 5.48 -8.58 -8.43
N ILE A 209 5.66 -8.71 -7.12
CA ILE A 209 4.51 -8.79 -6.20
C ILE A 209 4.48 -7.74 -5.08
N GLY A 210 4.85 -6.50 -5.37
CA GLY A 210 4.70 -5.43 -4.39
C GLY A 210 5.98 -4.72 -3.99
N LEU A 211 7.03 -4.90 -4.79
CA LEU A 211 8.33 -4.28 -4.51
C LEU A 211 8.83 -4.60 -3.11
N ARG A 212 8.50 -5.79 -2.60
CA ARG A 212 8.91 -6.16 -1.27
C ARG A 212 10.37 -6.41 -1.47
N GLY A 213 11.19 -6.38 -0.44
CA GLY A 213 12.58 -6.68 -0.72
C GLY A 213 13.34 -5.42 -1.04
N ALA A 214 13.00 -4.69 -2.09
CA ALA A 214 13.65 -3.39 -2.22
C ALA A 214 13.20 -2.54 -1.03
N ARG A 215 11.99 -2.78 -0.55
CA ARG A 215 11.51 -2.07 0.62
C ARG A 215 12.39 -2.37 1.84
N VAL A 216 12.79 -3.63 2.03
CA VAL A 216 13.56 -3.99 3.21
C VAL A 216 15.06 -3.68 2.99
N ALA A 217 15.55 -3.85 1.78
CA ALA A 217 16.94 -3.55 1.52
C ALA A 217 17.17 -2.05 1.62
N SER A 218 16.16 -1.29 1.22
CA SER A 218 16.19 0.15 1.25
C SER A 218 16.36 0.61 2.68
N PHE A 219 15.70 -0.11 3.58
CA PHE A 219 15.65 0.23 4.98
C PHE A 219 16.99 -0.07 5.67
N ALA A 220 17.60 -1.19 5.32
CA ALA A 220 18.85 -1.58 5.95
C ALA A 220 19.98 -0.69 5.46
N ILE A 221 20.03 -0.44 4.16
CA ILE A 221 21.13 0.30 3.57
C ILE A 221 21.04 1.78 3.88
N ASP A 222 19.83 2.29 3.92
CA ASP A 222 19.56 3.70 4.15
C ASP A 222 20.35 4.67 3.23
N PRO A 223 20.11 4.60 1.91
CA PRO A 223 20.87 5.41 0.97
C PRO A 223 20.35 6.83 0.86
N GLU A 224 21.11 7.71 0.23
CA GLU A 224 20.66 9.07 -0.06
C GLU A 224 20.16 9.14 -1.50
N VAL A 225 20.69 8.24 -2.32
CA VAL A 225 20.39 8.17 -3.74
C VAL A 225 19.97 6.74 -4.06
N GLY A 226 18.94 6.57 -4.86
CA GLY A 226 18.45 5.26 -5.21
C GLY A 226 18.14 5.14 -6.69
N ILE A 227 18.68 4.12 -7.34
CA ILE A 227 18.46 3.96 -8.77
C ILE A 227 17.92 2.58 -9.10
N ALA A 228 16.78 2.53 -9.79
CA ALA A 228 16.20 1.25 -10.18
C ALA A 228 16.47 0.98 -11.64
N MET A 229 16.88 -0.24 -11.93
CA MET A 229 17.07 -0.64 -13.30
C MET A 229 16.07 -1.74 -13.63
N ASP A 230 14.92 -1.37 -14.20
CA ASP A 230 13.91 -2.35 -14.61
C ASP A 230 13.76 -2.24 -16.11
N VAL A 231 12.87 -3.01 -16.71
CA VAL A 231 12.66 -2.84 -18.13
C VAL A 231 11.49 -1.91 -18.26
N THR A 232 11.31 -1.32 -19.45
CA THR A 232 10.13 -0.50 -19.68
C THR A 232 9.55 -0.85 -21.03
N PHE A 233 8.35 -0.34 -21.31
CA PHE A 233 7.66 -0.61 -22.55
C PHE A 233 8.31 0.08 -23.72
N ALA A 234 8.36 -0.63 -24.85
CA ALA A 234 8.88 -0.07 -26.08
C ALA A 234 7.77 0.03 -27.10
N LYS A 235 7.91 0.97 -28.02
CA LYS A 235 6.97 1.12 -29.12
C LYS A 235 6.82 -0.21 -29.87
N GLN A 236 5.58 -0.62 -30.11
CA GLN A 236 5.32 -1.92 -30.72
C GLN A 236 4.01 -1.91 -31.50
N PRO A 237 3.70 -3.00 -32.22
CA PRO A 237 2.42 -2.98 -32.95
C PRO A 237 1.20 -2.80 -32.05
N ASN A 238 0.23 -2.02 -32.53
CA ASN A 238 -1.06 -1.80 -31.87
C ASN A 238 -0.99 -1.10 -30.50
N ASP A 239 0.04 -0.29 -30.30
CA ASP A 239 0.22 0.40 -29.01
C ASP A 239 -0.51 1.73 -29.01
N LYS A 240 -1.26 1.98 -30.09
CA LYS A 240 -2.00 3.22 -30.27
C LYS A 240 -1.09 4.44 -30.27
N GLY A 241 0.20 4.23 -30.51
CA GLY A 241 1.17 5.32 -30.44
C GLY A 241 1.31 5.93 -29.05
N LYS A 242 0.96 5.18 -28.01
CA LYS A 242 1.03 5.69 -26.65
C LYS A 242 2.31 5.31 -25.91
N ILE A 243 3.33 4.85 -26.63
CA ILE A 243 4.57 4.49 -25.97
C ILE A 243 5.71 5.27 -26.59
N VAL A 244 6.38 6.06 -25.76
CA VAL A 244 7.42 6.95 -26.23
C VAL A 244 8.74 6.23 -26.52
N PRO A 245 9.26 5.44 -25.57
CA PRO A 245 10.59 4.86 -25.87
C PRO A 245 10.59 3.87 -27.04
N GLU A 246 11.72 3.78 -27.76
CA GLU A 246 11.85 2.85 -28.88
C GLU A 246 13.11 1.98 -28.79
N LEU A 247 13.02 0.77 -29.33
CA LEU A 247 14.18 -0.11 -29.45
C LEU A 247 15.30 0.55 -30.26
N GLY A 248 16.53 0.43 -29.81
CA GLY A 248 17.65 0.94 -30.56
C GLY A 248 17.96 2.42 -30.38
N LYS A 249 17.16 3.11 -29.60
CA LYS A 249 17.42 4.54 -29.37
C LYS A 249 17.98 4.83 -27.99
N GLY A 250 18.41 3.80 -27.27
CA GLY A 250 19.17 3.99 -26.04
C GLY A 250 18.43 3.64 -24.78
N PRO A 251 19.13 3.68 -23.64
CA PRO A 251 18.49 3.51 -22.33
C PRO A 251 17.41 4.56 -22.12
N VAL A 252 16.55 4.33 -21.14
CA VAL A 252 15.44 5.23 -20.85
C VAL A 252 15.53 5.74 -19.43
N MET A 253 15.23 7.01 -19.22
CA MET A 253 15.12 7.48 -17.85
C MET A 253 13.85 8.30 -17.68
N ASP A 254 12.97 7.85 -16.79
CA ASP A 254 11.71 8.54 -16.57
C ASP A 254 11.86 9.98 -16.13
N VAL A 255 10.79 10.73 -16.32
CA VAL A 255 10.65 12.02 -15.71
C VAL A 255 9.29 11.99 -15.05
N GLY A 256 9.15 12.68 -13.92
CA GLY A 256 7.90 12.66 -13.17
C GLY A 256 8.13 12.63 -11.68
N PRO A 257 7.06 12.55 -10.87
CA PRO A 257 7.13 12.68 -9.41
C PRO A 257 8.09 11.73 -8.72
N ASN A 258 8.30 10.56 -9.29
CA ASN A 258 9.14 9.54 -8.67
C ASN A 258 10.60 9.82 -8.96
N ILE A 259 10.83 10.75 -9.87
CA ILE A 259 12.18 11.04 -10.32
C ILE A 259 12.68 12.38 -9.78
N ASN A 260 13.68 12.32 -8.90
CA ASN A 260 14.30 13.52 -8.37
C ASN A 260 14.86 14.35 -9.52
N PRO A 261 14.43 15.61 -9.62
CA PRO A 261 14.79 16.50 -10.73
C PRO A 261 16.30 16.74 -10.83
N LYS A 262 16.97 16.89 -9.70
CA LYS A 262 18.40 17.18 -9.68
C LYS A 262 19.22 15.96 -10.10
N LEU A 263 18.82 14.79 -9.62
CA LEU A 263 19.46 13.56 -10.03
C LEU A 263 19.22 13.28 -11.52
N ARG A 264 18.00 13.56 -11.99
CA ARG A 264 17.65 13.33 -13.37
C ARG A 264 18.47 14.26 -14.29
N GLN A 265 18.57 15.54 -13.92
CA GLN A 265 19.41 16.50 -14.65
C GLN A 265 20.86 16.04 -14.69
N PHE A 266 21.39 15.64 -13.55
CA PHE A 266 22.74 15.12 -13.47
C PHE A 266 22.95 13.98 -14.47
N ALA A 267 22.09 12.97 -14.41
CA ALA A 267 22.20 11.82 -15.31
C ALA A 267 22.14 12.25 -16.77
N ASP A 268 21.35 13.29 -17.06
CA ASP A 268 21.30 13.77 -18.43
C ASP A 268 22.68 14.27 -18.86
N GLU A 269 23.29 15.06 -17.96
CA GLU A 269 24.60 15.66 -18.16
C GLU A 269 25.67 14.59 -18.38
N VAL A 270 25.59 13.51 -17.60
CA VAL A 270 26.51 12.38 -17.75
C VAL A 270 26.40 11.77 -19.14
N ALA A 271 25.16 11.56 -19.58
CA ALA A 271 24.88 10.98 -20.88
C ALA A 271 25.46 11.80 -22.01
N LYS A 272 25.26 13.11 -21.93
CA LYS A 272 25.79 14.01 -22.94
C LYS A 272 27.32 13.96 -23.01
N LYS A 273 27.97 13.97 -21.85
CA LYS A 273 29.43 13.97 -21.79
C LYS A 273 30.02 12.69 -22.39
N TYR A 274 29.40 11.55 -22.11
CA TYR A 274 29.89 10.28 -22.65
C TYR A 274 29.25 9.96 -23.98
N GLU A 275 28.45 10.90 -24.49
CA GLU A 275 27.77 10.74 -25.76
C GLU A 275 26.95 9.44 -25.84
N ILE A 276 26.14 9.20 -24.81
CA ILE A 276 25.24 8.07 -24.79
C ILE A 276 23.81 8.54 -25.05
N PRO A 277 23.14 7.95 -26.05
CA PRO A 277 21.74 8.26 -26.37
C PRO A 277 20.86 8.00 -25.16
N LEU A 278 19.96 8.92 -24.85
CA LEU A 278 19.13 8.79 -23.66
C LEU A 278 17.67 9.14 -23.92
N GLN A 279 16.75 8.23 -23.60
CA GLN A 279 15.35 8.49 -23.88
C GLN A 279 14.61 9.01 -22.67
N VAL A 280 13.53 9.74 -22.93
CA VAL A 280 12.63 10.21 -21.88
C VAL A 280 11.35 9.37 -21.84
N GLU A 281 10.90 8.99 -20.66
CA GLU A 281 9.59 8.39 -20.51
C GLU A 281 8.75 9.19 -19.54
N PRO A 282 7.60 9.71 -20.00
CA PRO A 282 6.71 10.47 -19.11
C PRO A 282 6.01 9.56 -18.12
N SER A 283 6.27 9.75 -16.83
CA SER A 283 5.68 8.88 -15.79
C SER A 283 4.98 9.69 -14.71
N PRO A 284 3.68 9.93 -14.87
CA PRO A 284 2.96 10.81 -13.95
C PRO A 284 2.58 10.16 -12.64
N ARG A 285 2.75 8.85 -12.51
CA ARG A 285 2.41 8.11 -11.30
C ARG A 285 3.69 7.62 -10.62
N PRO A 286 3.64 7.34 -9.30
CA PRO A 286 4.73 6.55 -8.72
C PRO A 286 4.93 5.26 -9.51
N THR A 287 6.17 4.96 -9.88
CA THR A 287 6.44 3.92 -10.85
C THR A 287 6.16 2.48 -10.36
N GLY A 288 6.03 1.56 -11.29
CA GLY A 288 5.96 0.16 -10.93
C GLY A 288 7.33 -0.50 -10.91
N THR A 289 8.29 0.17 -10.26
CA THR A 289 9.66 -0.34 -10.08
C THR A 289 10.13 -0.18 -8.62
N ASP A 290 11.27 -0.76 -8.28
CA ASP A 290 11.83 -0.62 -6.94
C ASP A 290 12.05 0.83 -6.49
N ALA A 291 12.15 1.76 -7.45
CA ALA A 291 12.35 3.17 -7.13
C ALA A 291 11.11 3.77 -6.44
N ASN A 292 9.96 3.15 -6.65
CA ASN A 292 8.75 3.56 -5.97
C ASN A 292 8.97 3.51 -4.45
N VAL A 293 9.33 2.34 -3.92
CA VAL A 293 9.47 2.23 -2.47
C VAL A 293 10.79 2.84 -1.95
N MET A 294 11.80 2.94 -2.80
CA MET A 294 13.04 3.54 -2.38
C MET A 294 12.80 5.00 -2.03
N GLN A 295 12.03 5.69 -2.85
CA GLN A 295 11.79 7.10 -2.66
C GLN A 295 11.18 7.44 -1.31
N ILE A 296 10.30 6.57 -0.83
CA ILE A 296 9.62 6.78 0.43
C ILE A 296 10.23 5.96 1.54
N ASN A 297 11.45 5.48 1.33
CA ASN A 297 12.18 4.79 2.38
C ASN A 297 12.64 5.77 3.45
N ARG A 298 12.34 5.48 4.71
CA ARG A 298 12.77 6.30 5.85
C ARG A 298 12.46 7.80 5.73
N GLU A 299 13.50 8.64 5.67
CA GLU A 299 13.29 10.08 5.61
C GLU A 299 13.23 10.58 4.18
N GLY A 300 13.25 9.66 3.22
CA GLY A 300 13.22 10.03 1.81
C GLY A 300 14.54 9.79 1.13
N VAL A 301 14.48 9.47 -0.16
CA VAL A 301 15.65 9.17 -0.98
C VAL A 301 15.54 9.88 -2.33
N ALA A 302 16.66 10.35 -2.88
CA ALA A 302 16.69 10.92 -4.22
C ALA A 302 16.76 9.78 -5.24
N THR A 303 15.69 9.58 -6.00
CA THR A 303 15.57 8.36 -6.80
C THR A 303 15.41 8.63 -8.28
N ALA A 304 15.78 7.62 -9.06
CA ALA A 304 15.58 7.68 -10.49
C ALA A 304 15.41 6.28 -11.05
N VAL A 305 14.96 6.21 -12.29
CA VAL A 305 14.77 4.93 -12.95
C VAL A 305 15.62 4.91 -14.21
N LEU A 306 16.42 3.87 -14.36
CA LEU A 306 17.20 3.69 -15.57
C LEU A 306 16.74 2.39 -16.17
N SER A 307 16.14 2.42 -17.35
CA SER A 307 15.56 1.18 -17.83
C SER A 307 15.91 0.83 -19.27
N ILE A 308 15.83 -0.46 -19.56
CA ILE A 308 16.00 -0.96 -20.92
C ILE A 308 14.63 -1.17 -21.56
N PRO A 309 14.43 -0.58 -22.74
CA PRO A 309 13.15 -0.71 -23.45
C PRO A 309 12.97 -2.09 -24.08
N ILE A 310 11.85 -2.74 -23.81
CA ILE A 310 11.56 -4.04 -24.41
C ILE A 310 10.12 -4.08 -24.93
N ARG A 311 9.89 -4.97 -25.89
CA ARG A 311 8.56 -5.24 -26.45
C ARG A 311 7.92 -6.47 -25.76
N TYR A 312 6.60 -6.52 -25.73
CA TYR A 312 5.85 -7.72 -25.34
C TYR A 312 6.09 -8.12 -23.87
N MET A 313 6.22 -7.11 -23.02
CA MET A 313 6.36 -7.21 -21.57
C MET A 313 5.55 -8.33 -20.93
N HIS A 314 6.23 -9.15 -20.12
CA HIS A 314 5.61 -10.27 -19.38
C HIS A 314 5.08 -11.37 -20.29
N SER A 315 5.78 -11.61 -21.39
CA SER A 315 5.44 -12.76 -22.21
C SER A 315 6.69 -13.52 -22.57
N GLN A 316 6.49 -14.69 -23.17
CA GLN A 316 7.59 -15.59 -23.57
C GLN A 316 8.45 -15.03 -24.70
N VAL A 317 8.08 -13.87 -25.22
CA VAL A 317 8.78 -13.32 -26.38
C VAL A 317 9.20 -11.88 -26.12
N GLU A 318 9.39 -11.53 -24.84
CA GLU A 318 9.98 -10.23 -24.49
C GLU A 318 11.18 -10.03 -25.38
N LEU A 319 11.27 -8.84 -25.99
CA LEU A 319 12.22 -8.60 -27.07
C LEU A 319 12.99 -7.30 -26.88
N ALA A 320 14.32 -7.36 -26.98
CA ALA A 320 15.14 -6.16 -26.75
C ALA A 320 16.15 -5.96 -27.87
N ASP A 321 16.86 -4.83 -27.83
CA ASP A 321 17.91 -4.47 -28.77
C ASP A 321 19.25 -4.41 -28.06
N ALA A 322 20.25 -5.14 -28.53
CA ALA A 322 21.53 -5.24 -27.83
C ALA A 322 22.25 -3.89 -27.73
N ARG A 323 21.98 -2.98 -28.64
CA ARG A 323 22.60 -1.67 -28.58
C ARG A 323 22.14 -0.88 -27.35
N ASP A 324 20.90 -1.08 -26.95
CA ASP A 324 20.37 -0.43 -25.77
C ASP A 324 20.97 -1.07 -24.51
N VAL A 325 21.22 -2.36 -24.56
CA VAL A 325 21.83 -3.06 -23.42
C VAL A 325 23.24 -2.51 -23.17
N ASP A 326 24.05 -2.53 -24.21
CA ASP A 326 25.40 -2.00 -24.18
C ASP A 326 25.42 -0.58 -23.64
N ASN A 327 24.59 0.29 -24.21
CA ASN A 327 24.53 1.68 -23.77
C ASN A 327 24.02 1.84 -22.35
N THR A 328 23.18 0.92 -21.89
CA THR A 328 22.66 1.01 -20.54
C THR A 328 23.80 0.70 -19.58
N ILE A 329 24.62 -0.27 -19.94
CA ILE A 329 25.81 -0.58 -19.16
C ILE A 329 26.75 0.62 -19.08
N LYS A 330 27.00 1.27 -20.22
CA LYS A 330 27.91 2.42 -20.27
C LYS A 330 27.37 3.54 -19.41
N LEU A 331 26.08 3.79 -19.52
CA LEU A 331 25.47 4.88 -18.77
C LEU A 331 25.41 4.52 -17.30
N ALA A 332 25.14 3.26 -17.00
CA ALA A 332 25.15 2.81 -15.62
C ALA A 332 26.54 2.98 -14.98
N LYS A 333 27.56 2.54 -15.71
CA LYS A 333 28.94 2.66 -15.27
C LYS A 333 29.30 4.13 -15.10
N ALA A 334 29.06 4.93 -16.12
CA ALA A 334 29.42 6.35 -16.11
C ALA A 334 28.77 7.08 -14.96
N LEU A 335 27.49 6.80 -14.72
CA LEU A 335 26.75 7.47 -13.66
C LEU A 335 27.38 7.16 -12.30
N LEU A 336 27.71 5.89 -12.09
CA LEU A 336 28.24 5.45 -10.80
C LEU A 336 29.61 6.03 -10.52
N GLU A 337 30.39 6.26 -11.57
CA GLU A 337 31.73 6.80 -11.42
C GLU A 337 31.69 8.31 -11.27
N GLU A 338 30.72 8.96 -11.90
CA GLU A 338 30.66 10.43 -11.87
C GLU A 338 29.92 10.96 -10.65
N LEU A 339 29.13 10.11 -10.01
CA LEU A 339 28.29 10.52 -8.89
C LEU A 339 29.13 11.06 -7.72
N LYS A 340 28.74 12.24 -7.22
CA LYS A 340 29.42 12.96 -6.13
C LYS A 340 28.43 13.66 -5.21
N PRO A 341 28.87 14.09 -4.01
CA PRO A 341 27.95 14.85 -3.17
C PRO A 341 27.47 16.12 -3.84
N MET A 342 26.19 16.45 -3.67
CA MET A 342 25.54 17.50 -4.43
C MET A 342 24.20 17.76 -3.74
N ASP A 343 23.57 18.89 -4.02
CA ASP A 343 22.31 19.16 -3.35
C ASP A 343 21.11 18.63 -4.14
N PHE A 344 20.39 17.71 -3.53
CA PHE A 344 19.30 17.06 -4.23
C PHE A 344 17.97 17.72 -3.93
N THR A 345 17.96 18.63 -2.95
CA THR A 345 16.74 19.36 -2.65
C THR A 345 16.20 19.87 -3.96
N PRO A 346 14.96 19.45 -4.29
CA PRO A 346 14.30 19.69 -5.58
C PRO A 346 14.47 21.12 -6.05
N MET B 1 -7.84 -30.08 24.63
CA MET B 1 -9.24 -29.88 24.99
C MET B 1 -9.60 -28.40 24.83
N VAL B 2 -10.84 -28.13 24.39
CA VAL B 2 -11.27 -26.76 24.10
C VAL B 2 -12.22 -26.26 25.16
N ASP B 3 -11.98 -25.04 25.60
CA ASP B 3 -12.81 -24.40 26.61
C ASP B 3 -13.94 -23.64 25.93
N TRP B 4 -15.09 -24.29 25.79
CA TRP B 4 -16.20 -23.68 25.10
C TRP B 4 -16.66 -22.38 25.73
N GLU B 5 -16.72 -22.32 27.05
CA GLU B 5 -17.26 -21.13 27.71
C GLU B 5 -16.35 -19.94 27.48
N LEU B 6 -15.06 -20.22 27.54
CA LEU B 6 -14.06 -19.19 27.34
C LEU B 6 -13.95 -18.77 25.87
N MET B 7 -14.06 -19.77 24.99
CA MET B 7 -14.05 -19.52 23.55
C MET B 7 -15.21 -18.60 23.20
N LYS B 8 -16.41 -18.98 23.64
CA LYS B 8 -17.61 -18.17 23.40
C LYS B 8 -17.42 -16.75 23.91
N LYS B 9 -16.74 -16.60 25.04
CA LYS B 9 -16.64 -15.30 25.66
C LYS B 9 -15.74 -14.41 24.83
N ILE B 10 -14.65 -14.97 24.34
CA ILE B 10 -13.70 -14.22 23.53
C ILE B 10 -14.31 -13.88 22.17
N ILE B 11 -15.09 -14.81 21.64
CA ILE B 11 -15.77 -14.59 20.38
C ILE B 11 -16.73 -13.42 20.48
N GLU B 12 -17.45 -13.34 21.58
CA GLU B 12 -18.54 -12.38 21.66
C GLU B 12 -18.20 -11.02 22.29
N SER B 13 -16.96 -10.83 22.73
CA SER B 13 -16.54 -9.55 23.27
C SER B 13 -16.45 -8.48 22.17
N PRO B 14 -16.99 -7.28 22.43
CA PRO B 14 -17.05 -6.17 21.47
C PRO B 14 -15.69 -5.75 20.93
N GLY B 15 -15.64 -5.41 19.64
CA GLY B 15 -14.40 -4.92 19.09
C GLY B 15 -14.29 -4.90 17.59
N VAL B 16 -14.92 -3.90 16.98
CA VAL B 16 -14.79 -3.65 15.55
C VAL B 16 -13.47 -2.95 15.35
N SER B 17 -12.90 -3.02 14.16
CA SER B 17 -11.69 -2.27 13.82
C SER B 17 -11.72 -0.84 14.30
N GLY B 18 -10.69 -0.45 15.06
CA GLY B 18 -10.59 0.88 15.63
C GLY B 18 -11.31 1.02 16.95
N TYR B 19 -12.02 -0.02 17.36
CA TYR B 19 -12.84 0.02 18.56
C TYR B 19 -12.65 -1.23 19.37
N GLU B 20 -11.43 -1.76 19.36
CA GLU B 20 -11.11 -2.96 20.11
C GLU B 20 -11.14 -2.70 21.61
N HIS B 21 -11.18 -1.42 21.98
CA HIS B 21 -11.23 -1.02 23.38
C HIS B 21 -12.64 -1.10 23.94
N LEU B 22 -13.62 -1.47 23.12
CA LEU B 22 -14.99 -1.56 23.60
C LEU B 22 -15.23 -2.83 24.41
N GLY B 23 -14.25 -3.73 24.44
CA GLY B 23 -14.43 -4.95 25.20
C GLY B 23 -13.27 -5.93 25.11
N ILE B 24 -12.90 -6.31 23.90
CA ILE B 24 -11.96 -7.41 23.71
C ILE B 24 -10.58 -7.07 24.25
N ARG B 25 -10.20 -5.80 24.20
CA ARG B 25 -8.87 -5.40 24.67
C ARG B 25 -8.65 -5.73 26.14
N ASP B 26 -9.61 -5.36 26.98
CA ASP B 26 -9.48 -5.58 28.42
C ASP B 26 -9.50 -7.08 28.75
N LEU B 27 -10.36 -7.81 28.04
CA LEU B 27 -10.47 -9.25 28.24
C LEU B 27 -9.14 -9.93 27.93
N VAL B 28 -8.50 -9.50 26.85
CA VAL B 28 -7.25 -10.12 26.46
C VAL B 28 -6.18 -9.80 27.48
N VAL B 29 -6.06 -8.53 27.83
CA VAL B 29 -5.09 -8.09 28.83
C VAL B 29 -5.28 -8.85 30.14
N ASP B 30 -6.54 -9.02 30.51
CA ASP B 30 -6.85 -9.62 31.77
C ASP B 30 -6.41 -11.06 31.85
N ILE B 31 -6.48 -11.75 30.72
CA ILE B 31 -6.09 -13.15 30.67
C ILE B 31 -4.58 -13.35 30.63
N LEU B 32 -3.90 -12.46 29.91
CA LEU B 32 -2.47 -12.61 29.66
C LEU B 32 -1.58 -12.02 30.76
N LYS B 33 -2.14 -11.11 31.56
CA LYS B 33 -1.42 -10.51 32.68
C LYS B 33 -0.93 -11.60 33.65
N ASP B 34 -1.63 -12.73 33.68
CA ASP B 34 -1.33 -13.81 34.62
C ASP B 34 -0.11 -14.63 34.23
N VAL B 35 0.22 -14.66 32.94
CA VAL B 35 1.31 -15.51 32.48
C VAL B 35 2.45 -14.74 31.82
N ALA B 36 2.19 -13.52 31.36
CA ALA B 36 3.24 -12.77 30.67
C ALA B 36 4.11 -12.02 31.66
N ASP B 37 5.38 -11.83 31.32
CA ASP B 37 6.28 -11.03 32.13
C ASP B 37 5.80 -9.59 32.19
N GLU B 38 5.24 -9.12 31.07
CA GLU B 38 4.94 -7.72 30.89
C GLU B 38 3.85 -7.51 29.83
N VAL B 39 2.87 -6.66 30.09
CA VAL B 39 1.83 -6.45 29.08
C VAL B 39 1.57 -4.97 28.76
N LYS B 40 1.65 -4.62 27.47
CA LYS B 40 1.56 -3.23 27.03
C LYS B 40 0.39 -2.99 26.07
N ILE B 41 -0.07 -1.75 26.06
CA ILE B 41 -1.04 -1.29 25.08
C ILE B 41 -0.47 -0.08 24.38
N ASP B 42 -0.29 -0.15 23.07
CA ASP B 42 0.35 0.97 22.38
C ASP B 42 -0.67 1.99 21.90
N LYS B 43 -0.19 2.99 21.18
CA LYS B 43 -1.02 4.12 20.79
C LYS B 43 -2.11 3.76 19.78
N LEU B 44 -1.97 2.60 19.14
CA LEU B 44 -2.99 2.14 18.21
C LEU B 44 -3.96 1.16 18.88
N GLY B 45 -3.59 0.66 20.04
CA GLY B 45 -4.50 -0.20 20.79
C GLY B 45 -4.09 -1.65 20.84
N ASN B 46 -2.99 -2.01 20.19
CA ASN B 46 -2.48 -3.37 20.25
C ASN B 46 -2.22 -3.79 21.68
N VAL B 47 -2.54 -5.04 21.98
CA VAL B 47 -2.09 -5.64 23.23
C VAL B 47 -0.81 -6.42 22.96
N ILE B 48 0.28 -5.98 23.58
CA ILE B 48 1.55 -6.68 23.45
C ILE B 48 1.97 -7.32 24.77
N ALA B 49 2.06 -8.64 24.77
CA ALA B 49 2.39 -9.39 25.97
C ALA B 49 3.76 -10.05 25.82
N HIS B 50 4.71 -9.68 26.67
CA HIS B 50 6.07 -10.20 26.59
C HIS B 50 6.24 -11.46 27.43
N PHE B 51 6.78 -12.50 26.80
CA PHE B 51 7.14 -13.73 27.46
C PHE B 51 8.64 -13.91 27.31
N LYS B 52 9.42 -13.33 28.23
CA LYS B 52 10.87 -13.21 28.06
C LYS B 52 11.58 -14.53 27.80
N GLY B 53 12.61 -14.43 26.98
CA GLY B 53 13.41 -15.57 26.61
C GLY B 53 14.62 -14.99 25.92
N SER B 54 15.44 -15.84 25.32
CA SER B 54 16.73 -15.41 24.82
C SER B 54 16.72 -15.03 23.34
N ALA B 55 16.51 -16.01 22.48
CA ALA B 55 16.61 -15.84 21.04
C ALA B 55 15.99 -17.05 20.33
N PRO B 56 15.43 -16.84 19.13
CA PRO B 56 15.26 -15.57 18.42
C PRO B 56 14.10 -14.76 18.98
N LYS B 57 13.97 -13.51 18.56
CA LYS B 57 12.80 -12.72 18.92
C LYS B 57 11.65 -13.08 17.98
N VAL B 58 10.54 -13.54 18.57
CA VAL B 58 9.41 -14.06 17.82
C VAL B 58 8.13 -13.27 18.10
N MET B 59 7.53 -12.74 17.06
CA MET B 59 6.23 -12.08 17.19
C MET B 59 5.09 -13.00 16.72
N VAL B 60 4.04 -13.07 17.50
CA VAL B 60 2.87 -13.79 17.08
C VAL B 60 1.69 -12.83 17.08
N ALA B 61 0.89 -12.85 16.02
CA ALA B 61 -0.20 -11.90 15.90
C ALA B 61 -1.54 -12.55 15.57
N ALA B 62 -2.54 -12.28 16.39
CA ALA B 62 -3.92 -12.69 16.11
C ALA B 62 -4.79 -11.45 16.24
N HIS B 63 -5.57 -11.12 15.22
CA HIS B 63 -6.23 -9.82 15.28
C HIS B 63 -7.46 -9.87 16.15
N MET B 64 -7.68 -8.81 16.92
CA MET B 64 -8.85 -8.81 17.79
C MET B 64 -9.99 -7.96 17.23
N ASP B 65 -9.77 -7.29 16.11
CA ASP B 65 -10.86 -6.53 15.50
C ASP B 65 -11.83 -7.40 14.71
N LYS B 66 -13.10 -7.00 14.75
CA LYS B 66 -14.17 -7.60 13.98
C LYS B 66 -14.57 -6.71 12.83
N ILE B 67 -15.07 -7.27 11.75
CA ILE B 67 -15.74 -6.43 10.76
C ILE B 67 -17.05 -6.00 11.40
N GLY B 68 -17.57 -4.86 10.98
CA GLY B 68 -18.80 -4.35 11.58
C GLY B 68 -19.40 -3.20 10.83
N LEU B 69 -20.14 -2.35 11.53
CA LEU B 69 -20.85 -1.26 10.87
C LEU B 69 -20.74 0.06 11.63
N MET B 70 -20.80 1.15 10.88
CA MET B 70 -20.83 2.48 11.47
C MET B 70 -22.04 3.19 10.94
N VAL B 71 -22.78 3.82 11.85
CA VAL B 71 -23.95 4.60 11.50
C VAL B 71 -23.54 5.92 10.87
N ASN B 72 -24.06 6.24 9.69
CA ASN B 72 -23.69 7.52 9.13
C ASN B 72 -24.89 8.39 8.82
N HIS B 73 -26.07 8.01 9.30
CA HIS B 73 -27.25 8.83 9.09
C HIS B 73 -28.41 8.37 9.97
N ILE B 74 -29.25 9.30 10.38
CA ILE B 74 -30.49 9.00 11.11
C ILE B 74 -31.62 9.80 10.49
N ASP B 75 -32.63 9.12 9.94
CA ASP B 75 -33.65 9.88 9.23
C ASP B 75 -34.84 10.27 10.11
N LYS B 76 -35.77 11.02 9.53
CA LYS B 76 -36.86 11.59 10.30
C LYS B 76 -37.71 10.54 11.03
N ASP B 77 -37.85 9.34 10.46
CA ASP B 77 -38.70 8.31 11.06
C ASP B 77 -37.93 7.42 12.03
N GLY B 78 -36.66 7.77 12.26
CA GLY B 78 -35.82 7.07 13.20
C GLY B 78 -35.04 5.89 12.64
N TYR B 79 -34.95 5.78 11.31
CA TYR B 79 -34.18 4.70 10.72
C TYR B 79 -32.70 5.04 10.63
N LEU B 80 -31.85 4.02 10.62
CA LEU B 80 -30.40 4.23 10.48
C LEU B 80 -29.86 3.89 9.07
N ARG B 81 -28.84 4.62 8.63
CA ARG B 81 -28.04 4.22 7.48
C ARG B 81 -26.67 3.81 8.00
N VAL B 82 -26.15 2.72 7.47
CA VAL B 82 -24.87 2.24 7.95
C VAL B 82 -23.92 2.06 6.79
N VAL B 83 -22.64 1.98 7.10
CA VAL B 83 -21.60 1.76 6.13
C VAL B 83 -20.63 0.77 6.75
N PRO B 84 -20.00 -0.08 5.92
CA PRO B 84 -19.16 -1.14 6.46
C PRO B 84 -17.79 -0.70 6.96
N ILE B 85 -17.38 -1.29 8.08
CA ILE B 85 -16.00 -1.30 8.49
C ILE B 85 -15.45 -2.71 8.20
N GLY B 86 -14.61 -2.83 7.18
CA GLY B 86 -14.13 -4.14 6.77
C GLY B 86 -15.08 -4.76 5.77
N GLY B 87 -14.73 -5.95 5.28
CA GLY B 87 -15.45 -6.56 4.18
C GLY B 87 -16.78 -7.19 4.54
N VAL B 88 -17.72 -6.39 5.03
CA VAL B 88 -19.08 -6.85 5.25
C VAL B 88 -19.78 -7.03 3.91
N LEU B 89 -20.41 -8.18 3.70
CA LEU B 89 -21.23 -8.37 2.50
C LEU B 89 -22.66 -7.98 2.83
N PRO B 90 -23.22 -7.05 2.08
CA PRO B 90 -24.57 -6.54 2.35
C PRO B 90 -25.63 -7.64 2.27
N GLU B 91 -25.40 -8.64 1.43
CA GLU B 91 -26.32 -9.77 1.34
C GLU B 91 -26.55 -10.46 2.69
N THR B 92 -25.54 -10.46 3.54
CA THR B 92 -25.65 -11.09 4.85
C THR B 92 -26.28 -10.16 5.88
N LEU B 93 -26.81 -9.04 5.44
CA LEU B 93 -27.47 -8.12 6.36
C LEU B 93 -28.98 -8.25 6.30
N ILE B 94 -29.50 -8.70 5.16
CA ILE B 94 -30.95 -8.88 4.98
C ILE B 94 -31.60 -9.75 6.06
N ALA B 95 -32.62 -9.19 6.71
CA ALA B 95 -33.37 -9.85 7.79
C ALA B 95 -32.48 -10.37 8.90
N GLN B 96 -31.55 -9.52 9.33
CA GLN B 96 -30.60 -9.87 10.41
C GLN B 96 -30.63 -8.88 11.58
N LYS B 97 -30.18 -9.33 12.74
CA LYS B 97 -30.09 -8.49 13.94
C LYS B 97 -28.71 -7.90 14.10
N ILE B 98 -28.65 -6.62 14.42
CA ILE B 98 -27.40 -5.88 14.64
C ILE B 98 -27.30 -5.44 16.09
N ARG B 99 -26.12 -5.64 16.69
CA ARG B 99 -25.83 -5.14 18.03
C ARG B 99 -25.10 -3.81 17.97
N PHE B 100 -25.72 -2.77 18.53
CA PHE B 100 -25.14 -1.45 18.50
C PHE B 100 -24.62 -1.04 19.87
N PHE B 101 -23.50 -0.33 19.87
CA PHE B 101 -22.89 0.17 21.08
C PHE B 101 -23.13 1.67 21.19
N THR B 102 -24.21 2.03 21.88
CA THR B 102 -24.59 3.42 22.05
C THR B 102 -24.00 3.98 23.32
N GLU B 103 -24.26 5.25 23.60
CA GLU B 103 -23.69 5.88 24.77
C GLU B 103 -24.48 5.51 26.02
N LYS B 104 -25.65 4.91 25.81
CA LYS B 104 -26.50 4.50 26.90
C LYS B 104 -26.51 2.98 26.99
N GLY B 105 -25.51 2.34 26.39
CA GLY B 105 -25.39 0.90 26.46
C GLY B 105 -25.69 0.21 25.13
N GLU B 106 -25.60 -1.11 25.14
CA GLU B 106 -25.85 -1.90 23.93
C GLU B 106 -27.33 -1.89 23.57
N ARG B 107 -27.63 -1.65 22.30
CA ARG B 107 -29.00 -1.74 21.78
C ARG B 107 -29.05 -2.58 20.51
N TYR B 108 -30.25 -2.95 20.10
CA TYR B 108 -30.36 -3.80 18.92
C TYR B 108 -31.15 -3.11 17.83
N GLY B 109 -30.84 -3.51 16.60
CA GLY B 109 -31.54 -3.04 15.43
C GLY B 109 -31.78 -4.21 14.50
N VAL B 110 -32.52 -3.97 13.44
CA VAL B 110 -32.92 -5.04 12.56
C VAL B 110 -32.92 -4.54 11.11
N VAL B 111 -32.33 -5.30 10.20
CA VAL B 111 -32.30 -4.88 8.81
C VAL B 111 -33.40 -5.58 8.04
N GLY B 112 -34.35 -4.80 7.54
CA GLY B 112 -35.58 -5.36 7.00
C GLY B 112 -35.48 -6.04 5.65
N VAL B 113 -36.63 -6.38 5.08
CA VAL B 113 -36.65 -6.86 3.73
C VAL B 113 -37.91 -6.24 3.14
N LEU B 114 -37.93 -6.02 1.84
CA LEU B 114 -39.07 -5.41 1.20
C LEU B 114 -39.96 -6.48 0.63
N PRO B 115 -41.24 -6.52 1.04
CA PRO B 115 -42.16 -7.53 0.51
C PRO B 115 -42.13 -7.52 -1.00
N PRO B 116 -42.10 -8.70 -1.62
CA PRO B 116 -41.81 -8.92 -3.05
C PRO B 116 -42.62 -8.01 -3.97
N HIS B 117 -43.86 -7.71 -3.61
CA HIS B 117 -44.75 -6.98 -4.50
C HIS B 117 -44.44 -5.48 -4.60
N LEU B 118 -43.35 -5.02 -3.98
CA LEU B 118 -42.98 -3.61 -4.07
C LEU B 118 -41.57 -3.39 -4.65
N ARG B 119 -41.04 -4.38 -5.36
CA ARG B 119 -39.66 -4.32 -5.87
C ARG B 119 -39.52 -3.88 -7.33
N ARG B 120 -38.34 -3.35 -7.63
CA ARG B 120 -38.04 -2.69 -8.91
C ARG B 120 -39.14 -1.74 -9.33
N ILE B 129 -27.80 -7.04 -1.80
CA ILE B 129 -27.56 -6.79 -3.20
C ILE B 129 -26.91 -5.42 -3.39
N ASP B 130 -27.17 -4.50 -2.47
CA ASP B 130 -26.70 -3.11 -2.59
C ASP B 130 -26.65 -2.41 -1.21
N TRP B 131 -25.86 -1.35 -1.05
CA TRP B 131 -25.78 -0.68 0.25
C TRP B 131 -26.91 0.32 0.50
N ASP B 132 -27.60 0.73 -0.55
CA ASP B 132 -28.68 1.69 -0.37
C ASP B 132 -29.93 1.00 0.16
N SER B 133 -29.96 -0.32 0.06
CA SER B 133 -31.10 -1.11 0.53
C SER B 133 -30.96 -1.51 2.01
N ILE B 134 -29.82 -1.17 2.60
CA ILE B 134 -29.56 -1.48 3.99
C ILE B 134 -30.00 -0.35 4.92
N ILE B 135 -31.17 -0.53 5.52
CA ILE B 135 -31.75 0.43 6.45
C ILE B 135 -32.09 -0.24 7.77
N VAL B 136 -31.56 0.28 8.88
CA VAL B 136 -31.74 -0.37 10.16
C VAL B 136 -32.94 0.16 10.94
N ASP B 137 -33.77 -0.76 11.42
CA ASP B 137 -34.95 -0.39 12.20
C ASP B 137 -34.61 -0.65 13.65
N VAL B 138 -34.64 0.39 14.48
CA VAL B 138 -34.27 0.22 15.88
C VAL B 138 -35.46 0.38 16.79
N GLY B 139 -36.65 0.39 16.20
CA GLY B 139 -37.88 0.46 16.96
C GLY B 139 -38.28 1.89 17.35
N ALA B 140 -37.64 2.88 16.75
CA ALA B 140 -37.91 4.27 17.08
C ALA B 140 -38.83 4.88 16.02
N SER B 141 -39.52 5.96 16.38
CA SER B 141 -40.48 6.58 15.49
C SER B 141 -40.00 7.89 14.92
N SER B 142 -38.94 8.42 15.51
CA SER B 142 -38.44 9.74 15.12
C SER B 142 -36.93 9.83 15.27
N ARG B 143 -36.33 10.82 14.61
CA ARG B 143 -34.89 11.07 14.74
C ARG B 143 -34.54 11.31 16.21
N GLU B 144 -35.40 12.04 16.90
CA GLU B 144 -35.15 12.41 18.29
C GLU B 144 -35.20 11.20 19.21
N GLU B 145 -36.19 10.36 18.98
CA GLU B 145 -36.32 9.14 19.77
C GLU B 145 -35.10 8.24 19.57
N ALA B 146 -34.59 8.18 18.34
CA ALA B 146 -33.40 7.38 18.07
C ALA B 146 -32.19 7.99 18.78
N GLU B 147 -32.06 9.31 18.67
CA GLU B 147 -31.00 10.05 19.35
C GLU B 147 -31.11 9.84 20.84
N GLU B 148 -32.32 9.92 21.36
CA GLU B 148 -32.53 9.75 22.79
C GLU B 148 -32.14 8.33 23.22
N MET B 149 -32.26 7.37 22.31
CA MET B 149 -31.89 5.99 22.62
C MET B 149 -30.38 5.82 22.74
N GLY B 150 -29.63 6.78 22.20
CA GLY B 150 -28.19 6.74 22.31
C GLY B 150 -27.48 6.61 20.98
N PHE B 151 -28.25 6.63 19.90
CA PHE B 151 -27.68 6.47 18.58
C PHE B 151 -27.10 7.76 18.09
N ARG B 152 -25.90 7.69 17.52
CA ARG B 152 -25.21 8.87 17.03
C ARG B 152 -24.70 8.56 15.63
N ILE B 153 -24.46 9.62 14.86
CA ILE B 153 -23.58 9.52 13.70
C ILE B 153 -22.26 8.94 14.20
N GLY B 154 -21.91 7.74 13.79
CA GLY B 154 -20.66 7.19 14.25
C GLY B 154 -20.80 6.03 15.22
N THR B 155 -22.04 5.72 15.59
CA THR B 155 -22.27 4.60 16.48
C THR B 155 -21.84 3.33 15.77
N ILE B 156 -21.16 2.45 16.48
CA ILE B 156 -20.63 1.20 15.93
C ILE B 156 -21.56 0.03 16.14
N GLY B 157 -21.63 -0.85 15.14
CA GLY B 157 -22.45 -2.04 15.25
C GLY B 157 -21.76 -3.31 14.79
N GLU B 158 -22.23 -4.45 15.30
CA GLU B 158 -21.73 -5.78 14.94
C GLU B 158 -22.88 -6.75 14.60
N PHE B 159 -22.59 -7.86 13.95
CA PHE B 159 -23.55 -8.96 13.85
C PHE B 159 -23.98 -9.32 15.25
N ALA B 160 -25.27 -9.54 15.47
CA ALA B 160 -25.74 -9.98 16.77
C ALA B 160 -25.10 -11.31 17.12
N PRO B 161 -24.73 -11.49 18.38
CA PRO B 161 -24.14 -12.77 18.83
C PRO B 161 -25.13 -13.91 18.66
N ASN B 162 -24.62 -15.08 18.32
CA ASN B 162 -25.50 -16.21 18.13
C ASN B 162 -24.66 -17.46 17.98
N PHE B 163 -24.22 -18.01 19.10
CA PHE B 163 -23.31 -19.14 19.09
C PHE B 163 -24.11 -20.42 19.04
N THR B 164 -23.80 -21.29 18.08
CA THR B 164 -24.53 -22.53 17.97
C THR B 164 -23.61 -23.72 17.77
N ARG B 165 -23.67 -24.67 18.69
CA ARG B 165 -23.00 -25.93 18.49
C ARG B 165 -23.92 -26.79 17.70
N LEU B 166 -23.45 -27.21 16.53
CA LEU B 166 -24.29 -27.97 15.61
C LEU B 166 -24.12 -29.45 15.85
N SER B 167 -22.88 -29.88 16.06
CA SER B 167 -22.56 -31.27 16.34
C SER B 167 -21.52 -31.35 17.46
N GLU B 168 -20.95 -32.52 17.67
CA GLU B 168 -19.94 -32.67 18.70
C GLU B 168 -18.74 -31.75 18.45
N HIS B 169 -18.38 -31.59 17.18
CA HIS B 169 -17.14 -30.88 16.82
C HIS B 169 -17.34 -29.57 16.08
N ARG B 170 -18.45 -29.47 15.35
CA ARG B 170 -18.66 -28.33 14.46
C ARG B 170 -19.59 -27.30 15.08
N PHE B 171 -19.27 -26.04 14.89
CA PHE B 171 -20.06 -25.00 15.51
C PHE B 171 -20.07 -23.78 14.60
N ALA B 172 -21.18 -23.04 14.62
CA ALA B 172 -21.36 -21.88 13.77
C ALA B 172 -21.68 -20.67 14.61
N THR B 173 -20.97 -19.57 14.32
CA THR B 173 -21.09 -18.33 15.07
C THR B 173 -20.52 -17.17 14.25
N PRO B 174 -21.06 -15.96 14.44
CA PRO B 174 -20.39 -14.81 13.84
C PRO B 174 -18.99 -14.65 14.43
N TYR B 175 -18.07 -14.11 13.65
CA TYR B 175 -16.78 -13.65 14.15
C TYR B 175 -15.79 -14.71 14.60
N LEU B 176 -15.75 -15.86 13.91
CA LEU B 176 -14.63 -16.77 14.06
C LEU B 176 -13.37 -16.09 13.54
N ASP B 177 -13.51 -15.29 12.50
CA ASP B 177 -12.44 -14.41 12.05
C ASP B 177 -12.50 -13.14 12.92
N ASP B 178 -11.57 -12.95 13.85
CA ASP B 178 -10.45 -13.86 14.09
C ASP B 178 -10.45 -14.26 15.55
N ARG B 179 -11.60 -14.20 16.19
CA ARG B 179 -11.64 -14.48 17.61
C ARG B 179 -11.28 -15.93 17.89
N ILE B 180 -11.45 -16.79 16.90
CA ILE B 180 -11.18 -18.18 17.13
C ILE B 180 -9.68 -18.43 17.21
N CYS B 181 -8.90 -17.67 16.46
CA CYS B 181 -7.46 -17.85 16.52
C CYS B 181 -6.88 -17.04 17.67
N LEU B 182 -7.55 -15.94 17.99
CA LEU B 182 -7.23 -15.19 19.17
C LEU B 182 -7.39 -16.13 20.37
N TYR B 183 -8.45 -16.92 20.40
CA TYR B 183 -8.62 -17.89 21.47
C TYR B 183 -7.49 -18.92 21.47
N ALA B 184 -7.14 -19.45 20.30
CA ALA B 184 -6.13 -20.49 20.22
C ALA B 184 -4.78 -20.00 20.66
N MET B 185 -4.42 -18.79 20.25
CA MET B 185 -3.13 -18.16 20.57
C MET B 185 -3.02 -17.94 22.07
N ILE B 186 -4.09 -17.47 22.68
CA ILE B 186 -4.12 -17.20 24.11
C ILE B 186 -3.93 -18.50 24.91
N GLU B 187 -4.65 -19.55 24.56
CA GLU B 187 -4.52 -20.82 25.27
C GLU B 187 -3.10 -21.33 25.21
N ALA B 188 -2.52 -21.24 24.02
CA ALA B 188 -1.16 -21.68 23.83
C ALA B 188 -0.23 -20.87 24.70
N ALA B 189 -0.51 -19.58 24.85
CA ALA B 189 0.31 -18.69 25.68
C ALA B 189 0.22 -19.05 27.15
N ARG B 190 -0.99 -19.37 27.60
CA ARG B 190 -1.22 -19.84 28.96
C ARG B 190 -0.53 -21.16 29.25
N GLN B 191 -0.49 -22.05 28.26
CA GLN B 191 0.07 -23.37 28.45
C GLN B 191 1.53 -23.43 28.12
N LEU B 192 2.08 -22.28 27.75
CA LEU B 192 3.45 -22.22 27.28
C LEU B 192 4.42 -22.71 28.34
N GLY B 193 5.22 -23.71 28.01
CA GLY B 193 6.20 -24.21 28.94
C GLY B 193 7.49 -23.44 28.81
N GLU B 194 8.62 -24.11 28.96
CA GLU B 194 9.89 -23.43 28.80
C GLU B 194 10.31 -23.32 27.34
N HIS B 195 10.96 -22.22 27.02
CA HIS B 195 11.32 -21.88 25.65
C HIS B 195 12.58 -21.07 25.55
N GLU B 196 13.41 -21.35 24.55
CA GLU B 196 14.60 -20.54 24.34
C GLU B 196 14.26 -19.19 23.66
N ALA B 197 13.15 -19.17 22.93
CA ALA B 197 12.76 -17.98 22.16
C ALA B 197 12.31 -16.80 23.04
N ASP B 198 12.57 -15.60 22.55
CA ASP B 198 12.12 -14.37 23.19
C ASP B 198 10.79 -13.97 22.56
N ILE B 199 9.70 -14.27 23.24
CA ILE B 199 8.39 -14.30 22.61
C ILE B 199 7.50 -13.09 22.88
N TYR B 200 6.99 -12.48 21.83
CA TYR B 200 5.99 -11.42 21.97
C TYR B 200 4.64 -11.89 21.41
N ILE B 201 3.64 -11.97 22.27
CA ILE B 201 2.29 -12.33 21.85
C ILE B 201 1.50 -11.06 21.62
N VAL B 202 1.13 -10.80 20.37
CA VAL B 202 0.42 -9.58 20.04
C VAL B 202 -1.02 -9.91 19.67
N ALA B 203 -1.97 -9.28 20.35
CA ALA B 203 -3.35 -9.34 19.89
C ALA B 203 -3.60 -8.04 19.14
N SER B 204 -3.50 -8.12 17.82
CA SER B 204 -3.40 -6.92 17.00
C SER B 204 -4.74 -6.26 16.71
N VAL B 205 -4.61 -5.05 16.23
CA VAL B 205 -5.69 -4.10 16.06
C VAL B 205 -5.88 -3.80 14.57
N GLN B 206 -7.11 -3.48 14.16
CA GLN B 206 -7.37 -3.01 12.77
C GLN B 206 -6.80 -3.89 11.63
N GLU B 207 -6.90 -5.20 11.76
CA GLU B 207 -6.39 -6.05 10.71
C GLU B 207 -7.31 -6.01 9.50
N GLU B 208 -8.61 -5.95 9.78
CA GLU B 208 -9.58 -6.07 8.72
C GLU B 208 -9.63 -4.85 7.84
N ILE B 209 -8.86 -3.82 8.17
CA ILE B 209 -8.80 -2.62 7.33
C ILE B 209 -7.37 -2.18 6.96
N GLY B 210 -6.52 -3.15 6.65
CA GLY B 210 -5.22 -2.86 6.08
C GLY B 210 -4.01 -3.34 6.86
N LEU B 211 -4.23 -4.24 7.83
CA LEU B 211 -3.16 -4.77 8.65
C LEU B 211 -2.41 -3.66 9.39
N ARG B 212 -3.14 -2.64 9.84
CA ARG B 212 -2.48 -1.50 10.45
C ARG B 212 -1.91 -1.78 11.84
N GLY B 213 -2.61 -2.56 12.64
CA GLY B 213 -2.12 -2.88 13.97
C GLY B 213 -0.77 -3.56 14.00
N ALA B 214 -0.68 -4.70 13.31
CA ALA B 214 0.56 -5.46 13.19
C ALA B 214 1.68 -4.71 12.51
N ARG B 215 1.36 -3.77 11.63
CA ARG B 215 2.41 -3.02 10.98
C ARG B 215 3.22 -2.25 12.00
N VAL B 216 2.50 -1.67 12.94
CA VAL B 216 3.04 -0.78 13.93
C VAL B 216 3.69 -1.56 15.08
N ALA B 217 3.05 -2.65 15.50
CA ALA B 217 3.60 -3.48 16.57
C ALA B 217 4.85 -4.18 16.10
N SER B 218 4.86 -4.52 14.82
CA SER B 218 5.99 -5.13 14.17
C SER B 218 7.20 -4.21 14.24
N PHE B 219 6.93 -2.91 14.13
CA PHE B 219 7.99 -1.94 14.08
C PHE B 219 8.60 -1.75 15.46
N ALA B 220 7.76 -1.79 16.49
CA ALA B 220 8.19 -1.59 17.87
C ALA B 220 8.99 -2.80 18.37
N ILE B 221 8.50 -4.00 18.08
CA ILE B 221 9.11 -5.24 18.55
C ILE B 221 10.41 -5.60 17.80
N ASP B 222 10.45 -5.29 16.50
CA ASP B 222 11.59 -5.65 15.63
C ASP B 222 11.96 -7.14 15.73
N PRO B 223 11.03 -8.04 15.35
CA PRO B 223 11.27 -9.47 15.50
C PRO B 223 12.08 -10.11 14.39
N GLU B 224 12.59 -11.30 14.66
CA GLU B 224 13.33 -12.08 13.69
C GLU B 224 12.38 -13.08 13.03
N VAL B 225 11.36 -13.47 13.78
CA VAL B 225 10.41 -14.43 13.31
C VAL B 225 9.02 -13.90 13.55
N GLY B 226 8.14 -14.04 12.57
CA GLY B 226 6.79 -13.53 12.69
C GLY B 226 5.78 -14.57 12.24
N ILE B 227 4.80 -14.82 13.10
CA ILE B 227 3.78 -15.82 12.82
C ILE B 227 2.42 -15.22 12.97
N ALA B 228 1.61 -15.32 11.94
CA ALA B 228 0.26 -14.78 12.01
C ALA B 228 -0.75 -15.90 12.18
N MET B 229 -1.71 -15.68 13.07
CA MET B 229 -2.81 -16.62 13.26
C MET B 229 -4.15 -15.99 12.91
N ASP B 230 -4.60 -16.15 11.66
CA ASP B 230 -5.92 -15.68 11.19
C ASP B 230 -6.68 -16.96 10.81
N VAL B 231 -7.88 -16.83 10.28
CA VAL B 231 -8.60 -18.01 9.80
C VAL B 231 -8.28 -18.16 8.32
N THR B 232 -8.63 -19.29 7.73
CA THR B 232 -8.50 -19.40 6.28
C THR B 232 -9.78 -20.07 5.77
N PHE B 233 -9.95 -20.07 4.45
CA PHE B 233 -11.12 -20.68 3.84
C PHE B 233 -11.11 -22.18 3.91
N ALA B 234 -12.26 -22.79 4.18
CA ALA B 234 -12.37 -24.23 4.18
C ALA B 234 -13.26 -24.65 3.04
N LYS B 235 -13.02 -25.86 2.54
CA LYS B 235 -13.86 -26.44 1.51
C LYS B 235 -15.34 -26.41 1.93
N GLN B 236 -16.20 -25.96 1.03
CA GLN B 236 -17.61 -25.76 1.32
C GLN B 236 -18.44 -25.91 0.04
N PRO B 237 -19.78 -25.92 0.16
CA PRO B 237 -20.57 -26.03 -1.07
C PRO B 237 -20.33 -24.89 -2.06
N ASN B 238 -20.33 -25.22 -3.35
CA ASN B 238 -20.16 -24.27 -4.45
C ASN B 238 -18.81 -23.59 -4.52
N ASP B 239 -17.76 -24.24 -3.99
CA ASP B 239 -16.43 -23.62 -4.00
C ASP B 239 -15.64 -23.97 -5.27
N LYS B 240 -16.30 -24.64 -6.20
CA LYS B 240 -15.72 -25.03 -7.48
C LYS B 240 -14.52 -25.93 -7.28
N GLY B 241 -14.39 -26.52 -6.10
CA GLY B 241 -13.22 -27.32 -5.78
C GLY B 241 -11.92 -26.54 -5.77
N LYS B 242 -12.01 -25.23 -5.57
CA LYS B 242 -10.80 -24.38 -5.55
C LYS B 242 -10.27 -24.09 -4.15
N ILE B 243 -10.71 -24.84 -3.15
CA ILE B 243 -10.23 -24.60 -1.82
C ILE B 243 -9.64 -25.86 -1.24
N VAL B 244 -8.37 -25.79 -0.88
CA VAL B 244 -7.64 -26.96 -0.43
C VAL B 244 -7.91 -27.36 1.03
N PRO B 245 -7.79 -26.41 1.99
CA PRO B 245 -8.01 -26.91 3.36
C PRO B 245 -9.44 -27.41 3.60
N GLU B 246 -9.57 -28.36 4.50
CA GLU B 246 -10.88 -28.91 4.88
C GLU B 246 -11.04 -28.93 6.38
N LEU B 247 -12.28 -28.77 6.85
CA LEU B 247 -12.60 -28.87 8.27
C LEU B 247 -12.21 -30.23 8.81
N GLY B 248 -11.61 -30.25 9.99
CA GLY B 248 -11.32 -31.51 10.67
C GLY B 248 -10.00 -32.15 10.27
N LYS B 249 -9.29 -31.54 9.33
CA LYS B 249 -8.03 -32.13 8.92
C LYS B 249 -6.84 -31.40 9.48
N GLY B 250 -7.08 -30.52 10.45
CA GLY B 250 -5.98 -29.94 11.21
C GLY B 250 -5.76 -28.49 10.89
N PRO B 251 -4.84 -27.86 11.61
CA PRO B 251 -4.41 -26.50 11.28
C PRO B 251 -3.80 -26.42 9.88
N VAL B 252 -3.70 -25.20 9.36
CA VAL B 252 -3.22 -24.93 8.02
C VAL B 252 -1.97 -24.05 8.06
N MET B 253 -1.00 -24.35 7.24
CA MET B 253 0.11 -23.42 7.09
C MET B 253 0.43 -23.18 5.63
N ASP B 254 0.23 -21.95 5.20
CA ASP B 254 0.44 -21.57 3.80
C ASP B 254 1.84 -21.92 3.34
N VAL B 255 1.96 -22.00 2.03
CA VAL B 255 3.26 -22.10 1.42
C VAL B 255 3.28 -21.02 0.32
N GLY B 256 4.44 -20.45 0.03
CA GLY B 256 4.50 -19.38 -0.95
C GLY B 256 5.41 -18.21 -0.55
N PRO B 257 5.44 -17.15 -1.38
CA PRO B 257 6.39 -16.03 -1.24
C PRO B 257 6.39 -15.37 0.12
N ASN B 258 5.25 -15.35 0.78
CA ASN B 258 5.11 -14.68 2.07
C ASN B 258 5.56 -15.59 3.20
N ILE B 259 5.83 -16.84 2.85
CA ILE B 259 6.18 -17.84 3.82
C ILE B 259 7.67 -18.20 3.71
N ASN B 260 8.44 -17.86 4.72
CA ASN B 260 9.84 -18.25 4.75
C ASN B 260 9.99 -19.76 4.73
N PRO B 261 10.67 -20.29 3.72
CA PRO B 261 10.77 -21.73 3.49
C PRO B 261 11.43 -22.45 4.66
N LYS B 262 12.44 -21.85 5.27
CA LYS B 262 13.16 -22.54 6.32
C LYS B 262 12.30 -22.64 7.56
N LEU B 263 11.59 -21.57 7.89
CA LEU B 263 10.65 -21.60 9.01
C LEU B 263 9.53 -22.59 8.75
N ARG B 264 9.05 -22.62 7.51
CA ARG B 264 7.97 -23.52 7.12
C ARG B 264 8.41 -25.00 7.20
N GLN B 265 9.66 -25.28 6.81
CA GLN B 265 10.26 -26.61 6.96
C GLN B 265 10.23 -27.05 8.42
N PHE B 266 10.70 -26.16 9.28
CA PHE B 266 10.74 -26.35 10.71
C PHE B 266 9.36 -26.68 11.29
N ALA B 267 8.38 -25.84 10.99
CA ALA B 267 7.03 -26.05 11.50
C ALA B 267 6.52 -27.40 11.04
N ASP B 268 6.93 -27.80 9.86
CA ASP B 268 6.55 -29.10 9.34
C ASP B 268 7.14 -30.21 10.22
N GLU B 269 8.43 -30.12 10.49
CA GLU B 269 9.09 -31.10 11.34
C GLU B 269 8.55 -31.08 12.77
N VAL B 270 8.25 -29.90 13.30
CA VAL B 270 7.60 -29.82 14.61
C VAL B 270 6.27 -30.57 14.65
N ALA B 271 5.43 -30.34 13.64
CA ALA B 271 4.14 -31.03 13.53
C ALA B 271 4.31 -32.55 13.46
N LYS B 272 5.26 -33.01 12.67
CA LYS B 272 5.54 -34.44 12.53
C LYS B 272 5.93 -35.07 13.88
N LYS B 273 6.80 -34.38 14.61
CA LYS B 273 7.28 -34.88 15.89
C LYS B 273 6.18 -35.00 16.96
N TYR B 274 5.27 -34.04 17.01
CA TYR B 274 4.17 -34.07 17.96
C TYR B 274 2.93 -34.75 17.38
N GLU B 275 3.08 -35.27 16.15
CA GLU B 275 1.99 -35.95 15.44
C GLU B 275 0.72 -35.12 15.34
N ILE B 276 0.87 -33.88 14.90
CA ILE B 276 -0.25 -33.00 14.66
C ILE B 276 -0.50 -32.88 13.16
N PRO B 277 -1.73 -33.17 12.72
CA PRO B 277 -2.10 -33.02 11.31
C PRO B 277 -1.93 -31.59 10.82
N LEU B 278 -1.31 -31.40 9.66
CA LEU B 278 -1.04 -30.06 9.16
C LEU B 278 -1.40 -29.96 7.68
N GLN B 279 -2.31 -29.06 7.34
CA GLN B 279 -2.75 -28.90 5.96
C GLN B 279 -1.90 -27.87 5.26
N VAL B 280 -1.80 -27.99 3.94
CA VAL B 280 -1.08 -27.01 3.13
C VAL B 280 -2.02 -26.09 2.40
N GLU B 281 -1.72 -24.80 2.38
CA GLU B 281 -2.48 -23.88 1.54
C GLU B 281 -1.57 -23.14 0.57
N PRO B 282 -1.80 -23.32 -0.73
CA PRO B 282 -0.99 -22.62 -1.72
C PRO B 282 -1.34 -21.14 -1.76
N SER B 283 -0.37 -20.28 -1.46
CA SER B 283 -0.55 -18.84 -1.39
C SER B 283 0.43 -18.13 -2.30
N PRO B 284 0.02 -17.81 -3.53
CA PRO B 284 0.96 -17.23 -4.50
C PRO B 284 1.17 -15.72 -4.32
N ARG B 285 0.34 -15.08 -3.50
CA ARG B 285 0.47 -13.65 -3.32
C ARG B 285 0.92 -13.27 -1.91
N PRO B 286 1.44 -12.04 -1.75
CA PRO B 286 1.51 -11.56 -0.37
C PRO B 286 0.16 -11.73 0.31
N THR B 287 0.19 -12.33 1.48
CA THR B 287 -0.97 -12.86 2.13
C THR B 287 -1.92 -11.77 2.67
N GLY B 288 -3.19 -12.11 2.90
CA GLY B 288 -4.10 -11.19 3.55
C GLY B 288 -4.20 -11.35 5.06
N THR B 289 -3.04 -11.45 5.69
CA THR B 289 -2.93 -11.56 7.14
C THR B 289 -1.81 -10.65 7.62
N ASP B 290 -1.70 -10.51 8.95
CA ASP B 290 -0.64 -9.72 9.57
C ASP B 290 0.77 -10.17 9.12
N ALA B 291 0.89 -11.39 8.62
CA ALA B 291 2.19 -11.89 8.17
C ALA B 291 2.67 -11.12 6.94
N ASN B 292 1.73 -10.51 6.24
CA ASN B 292 2.04 -9.66 5.10
C ASN B 292 2.96 -8.51 5.50
N VAL B 293 2.53 -7.71 6.46
CA VAL B 293 3.33 -6.54 6.84
C VAL B 293 4.51 -6.92 7.73
N MET B 294 4.41 -8.04 8.43
CA MET B 294 5.52 -8.48 9.27
C MET B 294 6.72 -8.79 8.40
N GLN B 295 6.50 -9.43 7.26
CA GLN B 295 7.61 -9.83 6.41
C GLN B 295 8.42 -8.64 5.89
N ILE B 296 7.75 -7.54 5.56
CA ILE B 296 8.44 -6.37 5.02
C ILE B 296 8.73 -5.30 6.08
N ASN B 297 8.67 -5.70 7.34
CA ASN B 297 9.01 -4.83 8.45
C ASN B 297 10.52 -4.63 8.55
N ARG B 298 10.93 -3.36 8.61
CA ARG B 298 12.31 -2.96 8.81
C ARG B 298 13.23 -3.63 7.82
N GLU B 299 14.16 -4.47 8.30
CA GLU B 299 15.10 -5.11 7.38
C GLU B 299 14.59 -6.46 6.87
N GLY B 300 13.35 -6.80 7.21
CA GLY B 300 12.79 -8.09 6.83
C GLY B 300 12.70 -9.03 8.01
N VAL B 301 11.68 -9.88 7.99
CA VAL B 301 11.39 -10.83 9.05
C VAL B 301 11.06 -12.17 8.39
N ALA B 302 11.46 -13.28 9.01
CA ALA B 302 11.09 -14.62 8.54
C ALA B 302 9.70 -15.02 9.02
N THR B 303 8.76 -15.14 8.09
CA THR B 303 7.35 -15.27 8.45
C THR B 303 6.66 -16.55 7.97
N ALA B 304 5.60 -16.91 8.67
CA ALA B 304 4.74 -18.00 8.30
C ALA B 304 3.34 -17.68 8.77
N VAL B 305 2.38 -18.46 8.28
CA VAL B 305 0.98 -18.29 8.65
C VAL B 305 0.43 -19.60 9.24
N LEU B 306 -0.22 -19.50 10.39
CA LEU B 306 -0.86 -20.66 11.01
C LEU B 306 -2.33 -20.40 11.19
N SER B 307 -3.17 -21.17 10.51
CA SER B 307 -4.58 -20.80 10.51
C SER B 307 -5.52 -21.95 10.77
N ILE B 308 -6.70 -21.59 11.26
CA ILE B 308 -7.79 -22.51 11.49
C ILE B 308 -8.72 -22.40 10.31
N PRO B 309 -9.02 -23.53 9.65
CA PRO B 309 -9.92 -23.47 8.50
C PRO B 309 -11.37 -23.32 8.96
N ILE B 310 -12.11 -22.41 8.34
CA ILE B 310 -13.53 -22.20 8.62
C ILE B 310 -14.32 -22.08 7.32
N ARG B 311 -15.62 -22.37 7.41
CA ARG B 311 -16.52 -22.17 6.30
C ARG B 311 -17.25 -20.82 6.43
N TYR B 312 -17.69 -20.25 5.32
CA TYR B 312 -18.60 -19.08 5.32
C TYR B 312 -17.97 -17.77 5.85
N MET B 313 -16.71 -17.56 5.52
CA MET B 313 -15.96 -16.35 5.83
C MET B 313 -16.71 -15.01 5.75
N HIS B 314 -16.63 -14.21 6.82
CA HIS B 314 -17.23 -12.88 6.92
C HIS B 314 -18.76 -12.90 6.92
N SER B 315 -19.34 -13.92 7.55
CA SER B 315 -20.79 -13.96 7.72
C SER B 315 -21.20 -14.35 9.13
N GLN B 316 -22.49 -14.25 9.42
CA GLN B 316 -23.00 -14.61 10.74
C GLN B 316 -22.91 -16.10 11.07
N VAL B 317 -22.50 -16.94 10.14
CA VAL B 317 -22.53 -18.38 10.37
C VAL B 317 -21.18 -19.03 10.06
N GLU B 318 -20.11 -18.24 10.24
CA GLU B 318 -18.77 -18.80 10.17
C GLU B 318 -18.72 -20.11 10.95
N LEU B 319 -18.13 -21.13 10.36
CA LEU B 319 -18.29 -22.49 10.88
C LEU B 319 -16.96 -23.22 11.00
N ALA B 320 -16.68 -23.78 12.17
CA ALA B 320 -15.39 -24.44 12.42
C ALA B 320 -15.50 -25.80 13.06
N ASP B 321 -14.35 -26.48 13.13
CA ASP B 321 -14.27 -27.78 13.74
C ASP B 321 -13.36 -27.74 14.98
N ALA B 322 -13.86 -28.16 16.13
CA ALA B 322 -13.10 -28.00 17.38
C ALA B 322 -11.78 -28.79 17.36
N ARG B 323 -11.73 -29.86 16.58
CA ARG B 323 -10.53 -30.66 16.46
C ARG B 323 -9.41 -29.87 15.81
N ASP B 324 -9.78 -28.97 14.91
CA ASP B 324 -8.81 -28.08 14.29
C ASP B 324 -8.39 -26.99 15.26
N VAL B 325 -9.34 -26.55 16.07
CA VAL B 325 -9.02 -25.55 17.08
C VAL B 325 -8.02 -26.15 18.07
N ASP B 326 -8.38 -27.26 18.67
CA ASP B 326 -7.52 -27.98 19.61
C ASP B 326 -6.11 -28.24 19.07
N ASN B 327 -6.04 -28.79 17.87
CA ASN B 327 -4.75 -29.06 17.23
C ASN B 327 -3.93 -27.81 16.94
N THR B 328 -4.61 -26.70 16.72
CA THR B 328 -3.90 -25.45 16.46
C THR B 328 -3.23 -24.92 17.73
N ILE B 329 -3.91 -25.03 18.87
CA ILE B 329 -3.31 -24.68 20.15
C ILE B 329 -2.08 -25.55 20.38
N LYS B 330 -2.19 -26.84 20.07
CA LYS B 330 -1.07 -27.75 20.28
C LYS B 330 0.09 -27.39 19.38
N LEU B 331 -0.16 -27.12 18.11
CA LEU B 331 0.96 -26.81 17.21
C LEU B 331 1.57 -25.45 17.60
N ALA B 332 0.73 -24.51 18.00
CA ALA B 332 1.18 -23.18 18.44
C ALA B 332 2.10 -23.27 19.66
N LYS B 333 1.69 -24.04 20.67
CA LYS B 333 2.50 -24.22 21.85
C LYS B 333 3.85 -24.82 21.47
N ALA B 334 3.80 -25.95 20.77
CA ALA B 334 4.99 -26.69 20.38
C ALA B 334 5.98 -25.87 19.57
N LEU B 335 5.48 -25.10 18.62
CA LEU B 335 6.33 -24.27 17.78
C LEU B 335 7.10 -23.23 18.60
N LEU B 336 6.41 -22.63 19.56
CA LEU B 336 7.04 -21.60 20.35
C LEU B 336 8.11 -22.18 21.28
N GLU B 337 7.91 -23.42 21.71
CA GLU B 337 8.83 -24.09 22.61
C GLU B 337 10.01 -24.69 21.89
N GLU B 338 9.80 -25.11 20.66
CA GLU B 338 10.83 -25.80 19.90
C GLU B 338 11.73 -24.81 19.16
N LEU B 339 11.23 -23.60 19.00
CA LEU B 339 11.94 -22.59 18.25
C LEU B 339 13.27 -22.27 18.93
N LYS B 340 14.34 -22.30 18.13
CA LYS B 340 15.68 -22.05 18.64
C LYS B 340 16.41 -21.22 17.61
N PRO B 341 17.55 -20.61 17.96
CA PRO B 341 18.28 -19.84 16.96
C PRO B 341 18.63 -20.70 15.76
N MET B 342 18.60 -20.08 14.58
CA MET B 342 18.58 -20.81 13.32
C MET B 342 18.85 -19.91 12.13
N ASP B 343 19.34 -20.48 11.04
CA ASP B 343 19.56 -19.70 9.83
C ASP B 343 18.33 -19.78 8.92
N PHE B 344 17.67 -18.65 8.73
CA PHE B 344 16.44 -18.60 7.96
C PHE B 344 16.67 -18.19 6.52
N THR B 345 17.87 -17.72 6.24
CA THR B 345 18.27 -17.33 4.89
C THR B 345 17.93 -18.42 3.86
N PRO B 346 17.14 -18.03 2.84
CA PRO B 346 16.63 -18.91 1.78
C PRO B 346 17.69 -19.86 1.21
N MET C 1 -10.94 36.34 11.26
CA MET C 1 -10.63 37.14 10.08
C MET C 1 -9.82 36.36 9.04
N VAL C 2 -10.15 36.54 7.76
CA VAL C 2 -9.44 35.86 6.67
C VAL C 2 -8.69 36.84 5.74
N ASP C 3 -7.45 36.52 5.43
CA ASP C 3 -6.64 37.37 4.56
C ASP C 3 -6.85 36.93 3.12
N TRP C 4 -7.79 37.53 2.45
CA TRP C 4 -8.10 37.15 1.10
C TRP C 4 -6.95 37.24 0.14
N GLU C 5 -6.01 38.11 0.37
CA GLU C 5 -4.98 38.33 -0.60
C GLU C 5 -3.96 37.25 -0.48
N LEU C 6 -3.71 36.82 0.73
CA LEU C 6 -2.72 35.82 0.95
C LEU C 6 -3.25 34.46 0.57
N MET C 7 -4.50 34.24 0.86
CA MET C 7 -5.18 33.02 0.49
C MET C 7 -5.12 32.82 -1.01
N LYS C 8 -5.51 33.86 -1.74
CA LYS C 8 -5.49 33.80 -3.19
C LYS C 8 -4.09 33.48 -3.70
N LYS C 9 -3.09 34.00 -3.03
CA LYS C 9 -1.74 33.83 -3.50
C LYS C 9 -1.28 32.41 -3.30
N ILE C 10 -1.63 31.85 -2.14
CA ILE C 10 -1.25 30.47 -1.81
C ILE C 10 -1.99 29.46 -2.67
N ILE C 11 -3.26 29.75 -2.96
CA ILE C 11 -4.05 28.90 -3.82
C ILE C 11 -3.44 28.83 -5.23
N GLU C 12 -2.98 29.97 -5.76
CA GLU C 12 -2.60 30.01 -7.16
C GLU C 12 -1.12 29.81 -7.46
N SER C 13 -0.31 29.63 -6.42
CA SER C 13 1.11 29.39 -6.61
C SER C 13 1.34 28.00 -7.18
N PRO C 14 2.22 27.90 -8.19
CA PRO C 14 2.48 26.64 -8.91
C PRO C 14 2.97 25.52 -8.03
N GLY C 15 2.49 24.30 -8.29
CA GLY C 15 2.99 23.12 -7.60
C GLY C 15 2.14 21.86 -7.67
N VAL C 16 2.26 21.13 -8.78
CA VAL C 16 1.63 19.82 -8.93
C VAL C 16 2.45 18.78 -8.15
N SER C 17 1.83 17.66 -7.76
CA SER C 17 2.54 16.55 -7.11
C SER C 17 3.88 16.25 -7.76
N GLY C 18 4.93 16.29 -6.97
CA GLY C 18 6.28 16.08 -7.45
C GLY C 18 6.92 17.35 -7.98
N TYR C 19 6.16 18.42 -8.03
CA TYR C 19 6.70 19.66 -8.57
C TYR C 19 6.34 20.87 -7.71
N GLU C 20 6.28 20.66 -6.41
CA GLU C 20 5.93 21.72 -5.47
C GLU C 20 7.03 22.79 -5.40
N HIS C 21 8.18 22.47 -5.96
CA HIS C 21 9.30 23.36 -5.97
C HIS C 21 9.13 24.41 -7.07
N LEU C 22 8.06 24.33 -7.84
CA LEU C 22 7.87 25.30 -8.92
C LEU C 22 7.36 26.64 -8.41
N GLY C 23 7.01 26.71 -7.13
CA GLY C 23 6.52 27.95 -6.55
C GLY C 23 6.06 27.86 -5.11
N ILE C 24 5.14 26.95 -4.80
CA ILE C 24 4.48 26.95 -3.51
C ILE C 24 5.45 26.69 -2.36
N ARG C 25 6.49 25.91 -2.63
CA ARG C 25 7.48 25.55 -1.63
C ARG C 25 8.19 26.78 -1.06
N ASP C 26 8.66 27.66 -1.95
CA ASP C 26 9.37 28.87 -1.53
C ASP C 26 8.42 29.83 -0.86
N LEU C 27 7.21 29.92 -1.38
CA LEU C 27 6.22 30.78 -0.77
C LEU C 27 5.99 30.33 0.68
N VAL C 28 5.85 29.04 0.89
CA VAL C 28 5.62 28.54 2.24
C VAL C 28 6.83 28.77 3.14
N VAL C 29 8.01 28.42 2.65
CA VAL C 29 9.24 28.67 3.39
C VAL C 29 9.40 30.16 3.77
N ASP C 30 9.11 31.06 2.84
CA ASP C 30 9.30 32.49 3.08
C ASP C 30 8.35 33.05 4.14
N ILE C 31 7.17 32.46 4.27
CA ILE C 31 6.19 32.87 5.28
C ILE C 31 6.54 32.32 6.66
N LEU C 32 7.01 31.09 6.74
CA LEU C 32 7.23 30.45 8.05
C LEU C 32 8.63 30.69 8.64
N LYS C 33 9.57 31.10 7.80
CA LYS C 33 10.94 31.39 8.25
C LYS C 33 10.93 32.48 9.34
N ASP C 34 9.92 33.33 9.28
CA ASP C 34 9.80 34.45 10.20
C ASP C 34 9.27 34.07 11.57
N VAL C 35 8.52 32.98 11.65
CA VAL C 35 7.87 32.65 12.91
C VAL C 35 8.36 31.34 13.52
N ALA C 36 8.92 30.46 12.70
CA ALA C 36 9.39 29.16 13.17
C ALA C 36 10.84 29.26 13.65
N ASP C 37 11.20 28.42 14.62
CA ASP C 37 12.58 28.37 15.08
C ASP C 37 13.51 27.92 13.99
N GLU C 38 13.07 26.95 13.18
CA GLU C 38 13.92 26.39 12.15
C GLU C 38 13.06 25.81 11.04
N VAL C 39 13.47 26.06 9.80
CA VAL C 39 12.75 25.57 8.64
C VAL C 39 13.67 24.79 7.71
N LYS C 40 13.28 23.55 7.42
CA LYS C 40 14.08 22.69 6.55
C LYS C 40 13.25 22.16 5.39
N ILE C 41 13.97 21.77 4.34
CA ILE C 41 13.36 21.13 3.18
C ILE C 41 13.98 19.76 3.02
N ASP C 42 13.19 18.68 3.01
CA ASP C 42 13.79 17.33 2.96
C ASP C 42 13.98 16.84 1.53
N LYS C 43 14.48 15.61 1.37
CA LYS C 43 14.85 15.15 0.03
C LYS C 43 13.66 14.94 -0.88
N LEU C 44 12.46 14.85 -0.31
CA LEU C 44 11.26 14.70 -1.11
C LEU C 44 10.61 16.02 -1.42
N GLY C 45 11.03 17.07 -0.72
CA GLY C 45 10.56 18.42 -1.00
C GLY C 45 9.64 18.98 0.05
N ASN C 46 9.34 18.18 1.07
CA ASN C 46 8.54 18.63 2.21
C ASN C 46 9.14 19.86 2.84
N VAL C 47 8.28 20.79 3.24
CA VAL C 47 8.69 21.89 4.09
C VAL C 47 8.36 21.55 5.54
N ILE C 48 9.39 21.41 6.37
CA ILE C 48 9.21 21.14 7.80
C ILE C 48 9.66 22.31 8.65
N ALA C 49 8.72 22.89 9.37
CA ALA C 49 8.97 24.07 10.20
C ALA C 49 8.76 23.76 11.68
N HIS C 50 9.82 23.88 12.46
CA HIS C 50 9.77 23.55 13.89
C HIS C 50 9.41 24.77 14.76
N PHE C 51 8.40 24.58 15.60
CA PHE C 51 8.01 25.56 16.61
C PHE C 51 8.29 24.95 17.97
N LYS C 52 9.50 25.16 18.47
CA LYS C 52 10.04 24.44 19.62
C LYS C 52 9.13 24.53 20.82
N GLY C 53 9.09 23.44 21.58
CA GLY C 53 8.25 23.31 22.74
C GLY C 53 8.66 22.07 23.51
N SER C 54 7.86 21.72 24.50
CA SER C 54 8.22 20.69 25.46
C SER C 54 7.70 19.30 25.09
N ALA C 55 6.38 19.12 25.21
CA ALA C 55 5.72 17.84 24.98
C ALA C 55 4.21 18.08 24.98
N PRO C 56 3.46 17.27 24.22
CA PRO C 56 3.87 16.18 23.33
C PRO C 56 4.50 16.67 22.03
N LYS C 57 5.09 15.74 21.28
CA LYS C 57 5.59 16.04 19.95
C LYS C 57 4.43 15.95 18.94
N VAL C 58 4.13 17.05 18.28
CA VAL C 58 2.95 17.16 17.42
C VAL C 58 3.30 17.50 15.99
N MET C 59 2.88 16.66 15.05
CA MET C 59 3.02 16.97 13.63
C MET C 59 1.71 17.44 13.03
N VAL C 60 1.75 18.53 12.27
CA VAL C 60 0.58 18.99 11.53
C VAL C 60 0.89 19.04 10.05
N ALA C 61 0.02 18.47 9.23
CA ALA C 61 0.29 18.37 7.80
C ALA C 61 -0.87 18.86 6.93
N ALA C 62 -0.55 19.76 6.01
CA ALA C 62 -1.46 20.21 4.97
C ALA C 62 -0.70 20.10 3.67
N HIS C 63 -1.23 19.40 2.67
CA HIS C 63 -0.41 19.12 1.50
C HIS C 63 -0.37 20.30 0.55
N MET C 64 0.81 20.56 -0.02
CA MET C 64 0.93 21.70 -0.91
C MET C 64 0.89 21.30 -2.39
N ASP C 65 0.84 20.00 -2.68
CA ASP C 65 0.72 19.56 -4.06
C ASP C 65 -0.73 19.66 -4.58
N LYS C 66 -0.83 20.03 -5.85
CA LYS C 66 -2.08 20.08 -6.62
C LYS C 66 -2.20 18.88 -7.57
N ILE C 67 -3.42 18.44 -7.87
CA ILE C 67 -3.54 17.52 -9.00
C ILE C 67 -3.26 18.31 -10.28
N GLY C 68 -2.78 17.64 -11.31
CA GLY C 68 -2.43 18.32 -12.54
C GLY C 68 -2.26 17.40 -13.73
N LEU C 69 -1.46 17.83 -14.69
CA LEU C 69 -1.31 17.13 -15.95
C LEU C 69 0.15 17.06 -16.37
N MET C 70 0.51 16.03 -17.12
CA MET C 70 1.84 15.97 -17.71
C MET C 70 1.68 15.75 -19.19
N VAL C 71 2.45 16.48 -19.98
CA VAL C 71 2.48 16.29 -21.42
C VAL C 71 3.25 15.00 -21.75
N ASN C 72 2.64 14.11 -22.52
CA ASN C 72 3.34 12.89 -22.88
C ASN C 72 3.42 12.69 -24.39
N HIS C 73 3.02 13.70 -25.15
CA HIS C 73 3.10 13.63 -26.59
C HIS C 73 2.92 15.00 -27.24
N ILE C 74 3.60 15.24 -28.36
CA ILE C 74 3.44 16.44 -29.20
C ILE C 74 3.34 16.03 -30.67
N ASP C 75 2.23 16.29 -31.35
CA ASP C 75 2.08 15.73 -32.70
C ASP C 75 2.57 16.68 -33.77
N LYS C 76 2.52 16.23 -35.02
CA LYS C 76 3.09 16.97 -36.14
C LYS C 76 2.50 18.36 -36.24
N ASP C 77 1.23 18.52 -35.87
CA ASP C 77 0.55 19.79 -36.01
C ASP C 77 0.70 20.67 -34.76
N GLY C 78 1.43 20.16 -33.77
CA GLY C 78 1.71 20.95 -32.59
C GLY C 78 0.66 20.84 -31.49
N TYR C 79 -0.19 19.83 -31.54
CA TYR C 79 -1.13 19.60 -30.46
C TYR C 79 -0.43 18.81 -29.38
N LEU C 80 -0.89 18.96 -28.15
CA LEU C 80 -0.33 18.20 -27.05
C LEU C 80 -1.26 17.10 -26.64
N ARG C 81 -0.70 16.00 -26.18
CA ARG C 81 -1.48 14.99 -25.50
C ARG C 81 -1.07 14.96 -24.04
N VAL C 82 -2.03 14.86 -23.12
CA VAL C 82 -1.68 14.84 -21.70
C VAL C 82 -2.26 13.66 -20.93
N VAL C 83 -1.69 13.43 -19.75
CA VAL C 83 -2.09 12.35 -18.87
C VAL C 83 -2.13 12.91 -17.43
N PRO C 84 -3.03 12.40 -16.57
CA PRO C 84 -3.20 13.01 -15.25
C PRO C 84 -2.15 12.69 -14.21
N ILE C 85 -1.84 13.70 -13.41
CA ILE C 85 -1.15 13.51 -12.14
C ILE C 85 -2.18 13.70 -11.02
N GLY C 86 -2.56 12.62 -10.36
CA GLY C 86 -3.61 12.68 -9.35
C GLY C 86 -5.00 12.52 -9.95
N GLY C 87 -6.02 12.58 -9.11
CA GLY C 87 -7.37 12.24 -9.55
C GLY C 87 -8.08 13.29 -10.38
N VAL C 88 -7.48 13.66 -11.51
CA VAL C 88 -8.16 14.52 -12.47
C VAL C 88 -9.23 13.73 -13.22
N LEU C 89 -10.44 14.28 -13.27
CA LEU C 89 -11.55 13.75 -14.06
C LEU C 89 -11.57 14.38 -15.45
N PRO C 90 -11.53 13.58 -16.51
CA PRO C 90 -11.44 14.13 -17.87
C PRO C 90 -12.62 15.02 -18.23
N GLU C 91 -13.78 14.69 -17.67
CA GLU C 91 -15.00 15.49 -17.84
C GLU C 91 -14.81 16.95 -17.48
N THR C 92 -13.93 17.25 -16.54
CA THR C 92 -13.68 18.63 -16.17
C THR C 92 -12.65 19.30 -17.06
N LEU C 93 -12.22 18.65 -18.14
CA LEU C 93 -11.22 19.29 -19.00
C LEU C 93 -11.82 19.89 -20.27
N ILE C 94 -12.99 19.41 -20.69
CA ILE C 94 -13.68 19.94 -21.88
C ILE C 94 -13.86 21.45 -21.87
N ALA C 95 -13.36 22.11 -22.91
CA ALA C 95 -13.44 23.57 -23.06
C ALA C 95 -12.89 24.27 -21.84
N GLN C 96 -11.72 23.85 -21.40
CA GLN C 96 -11.07 24.49 -20.26
C GLN C 96 -9.67 24.96 -20.63
N LYS C 97 -9.16 25.92 -19.88
CA LYS C 97 -7.80 26.39 -20.06
C LYS C 97 -6.82 25.76 -19.10
N ILE C 98 -5.67 25.39 -19.64
CA ILE C 98 -4.62 24.76 -18.88
C ILE C 98 -3.43 25.71 -18.84
N ARG C 99 -2.87 25.86 -17.66
CA ARG C 99 -1.66 26.64 -17.39
C ARG C 99 -0.44 25.74 -17.36
N PHE C 100 0.50 25.95 -18.28
CA PHE C 100 1.69 25.09 -18.39
C PHE C 100 2.99 25.75 -17.94
N PHE C 101 3.85 24.94 -17.34
CA PHE C 101 5.15 25.44 -16.89
C PHE C 101 6.26 24.92 -17.78
N THR C 102 6.53 25.67 -18.83
CA THR C 102 7.53 25.30 -19.80
C THR C 102 8.85 25.90 -19.41
N GLU C 103 9.83 25.62 -20.24
CA GLU C 103 11.20 26.02 -20.01
C GLU C 103 11.45 27.48 -20.40
N LYS C 104 10.49 28.08 -21.12
CA LYS C 104 10.60 29.50 -21.44
C LYS C 104 9.56 30.31 -20.66
N GLY C 105 9.01 29.72 -19.62
CA GLY C 105 8.01 30.40 -18.81
C GLY C 105 6.62 29.79 -18.90
N GLU C 106 5.68 30.40 -18.19
CA GLU C 106 4.32 29.91 -18.18
C GLU C 106 3.63 30.17 -19.49
N ARG C 107 2.99 29.14 -20.04
CA ARG C 107 2.19 29.27 -21.25
C ARG C 107 0.80 28.68 -21.04
N TYR C 108 -0.11 28.98 -21.93
CA TYR C 108 -1.46 28.46 -21.82
C TYR C 108 -1.85 27.59 -23.02
N GLY C 109 -2.74 26.65 -22.76
CA GLY C 109 -3.27 25.80 -23.80
C GLY C 109 -4.75 25.66 -23.54
N VAL C 110 -5.43 25.00 -24.46
CA VAL C 110 -6.86 24.99 -24.39
C VAL C 110 -7.33 23.60 -24.80
N VAL C 111 -8.27 23.02 -24.05
CA VAL C 111 -8.76 21.69 -24.39
C VAL C 111 -10.06 21.80 -25.16
N GLY C 112 -10.02 21.41 -26.43
CA GLY C 112 -11.13 21.72 -27.31
C GLY C 112 -12.35 20.87 -27.08
N VAL C 113 -13.32 21.03 -27.96
CA VAL C 113 -14.49 20.18 -27.95
C VAL C 113 -14.83 19.89 -29.40
N LEU C 114 -15.46 18.76 -29.64
CA LEU C 114 -15.78 18.38 -31.00
C LEU C 114 -17.21 18.81 -31.31
N PRO C 115 -17.38 19.65 -32.34
CA PRO C 115 -18.69 20.13 -32.79
C PRO C 115 -19.57 18.93 -33.11
N PRO C 116 -20.84 18.99 -32.70
CA PRO C 116 -21.74 17.84 -32.62
C PRO C 116 -21.82 16.99 -33.88
N HIS C 117 -21.79 17.64 -35.04
CA HIS C 117 -22.07 16.91 -36.27
C HIS C 117 -20.91 16.01 -36.72
N LEU C 118 -19.88 15.87 -35.90
CA LEU C 118 -18.76 14.99 -36.25
C LEU C 118 -18.54 13.91 -35.20
N ARG C 119 -19.53 13.69 -34.35
CA ARG C 119 -19.44 12.70 -33.28
C ARG C 119 -20.11 11.37 -33.66
N ILE C 129 -15.59 12.31 -21.69
CA ILE C 129 -15.84 10.93 -21.28
C ILE C 129 -14.52 10.13 -21.17
N ASP C 130 -13.49 10.50 -21.92
CA ASP C 130 -12.30 9.65 -21.99
C ASP C 130 -10.99 10.44 -22.25
N TRP C 131 -9.84 9.84 -21.93
CA TRP C 131 -8.54 10.54 -22.02
C TRP C 131 -7.97 10.65 -23.42
N ASP C 132 -8.39 9.80 -24.34
CA ASP C 132 -7.84 9.91 -25.68
C ASP C 132 -8.52 11.01 -26.46
N SER C 133 -9.62 11.51 -25.91
CA SER C 133 -10.33 12.62 -26.52
C SER C 133 -9.79 13.97 -26.04
N ILE C 134 -8.88 13.94 -25.07
CA ILE C 134 -8.28 15.15 -24.51
C ILE C 134 -7.01 15.54 -25.26
N ILE C 135 -7.14 16.52 -26.14
CA ILE C 135 -6.05 16.99 -26.97
C ILE C 135 -5.85 18.47 -26.69
N VAL C 136 -4.64 18.88 -26.34
CA VAL C 136 -4.45 20.27 -25.95
C VAL C 136 -3.99 21.15 -27.12
N ASP C 137 -4.65 22.28 -27.32
CA ASP C 137 -4.28 23.25 -28.35
C ASP C 137 -3.50 24.41 -27.74
N VAL C 138 -2.23 24.58 -28.13
CA VAL C 138 -1.42 25.63 -27.51
C VAL C 138 -1.12 26.78 -28.47
N GLY C 139 -1.81 26.82 -29.60
CA GLY C 139 -1.69 27.91 -30.55
C GLY C 139 -0.54 27.74 -31.53
N ALA C 140 -0.02 26.52 -31.62
CA ALA C 140 1.08 26.21 -32.52
C ALA C 140 0.59 25.49 -33.76
N SER C 141 1.40 25.51 -34.81
CA SER C 141 1.07 24.86 -36.08
C SER C 141 1.89 23.61 -36.36
N SER C 142 3.00 23.43 -35.64
CA SER C 142 3.89 22.29 -35.89
C SER C 142 4.48 21.81 -34.59
N ARG C 143 4.99 20.58 -34.58
CA ARG C 143 5.69 20.07 -33.42
C ARG C 143 6.85 20.98 -33.10
N GLU C 144 7.49 21.50 -34.14
CA GLU C 144 8.67 22.33 -33.98
C GLU C 144 8.31 23.65 -33.30
N GLU C 145 7.20 24.24 -33.71
CA GLU C 145 6.78 25.49 -33.11
C GLU C 145 6.47 25.30 -31.64
N ALA C 146 5.84 24.18 -31.33
CA ALA C 146 5.46 23.85 -29.96
C ALA C 146 6.68 23.65 -29.06
N GLU C 147 7.67 22.94 -29.58
CA GLU C 147 8.94 22.74 -28.88
C GLU C 147 9.63 24.08 -28.66
N GLU C 148 9.64 24.91 -29.70
CA GLU C 148 10.23 26.25 -29.61
C GLU C 148 9.51 27.08 -28.57
N MET C 149 8.24 26.82 -28.34
CA MET C 149 7.50 27.55 -27.34
C MET C 149 7.99 27.17 -25.96
N GLY C 150 8.65 26.02 -25.86
CA GLY C 150 9.20 25.55 -24.62
C GLY C 150 8.58 24.26 -24.14
N PHE C 151 7.70 23.67 -24.95
CA PHE C 151 6.99 22.46 -24.58
C PHE C 151 7.85 21.21 -24.74
N ARG C 152 7.79 20.34 -23.75
CA ARG C 152 8.56 19.11 -23.74
C ARG C 152 7.70 17.93 -23.36
N ILE C 153 8.08 16.74 -23.79
CA ILE C 153 7.58 15.55 -23.13
C ILE C 153 7.93 15.68 -21.66
N GLY C 154 6.93 15.78 -20.79
CA GLY C 154 7.16 15.90 -19.37
C GLY C 154 6.77 17.24 -18.77
N THR C 155 6.38 18.19 -19.64
CA THR C 155 5.93 19.50 -19.21
C THR C 155 4.68 19.33 -18.36
N ILE C 156 4.61 20.08 -17.28
CA ILE C 156 3.53 20.03 -16.30
C ILE C 156 2.49 21.11 -16.55
N GLY C 157 1.23 20.79 -16.32
CA GLY C 157 0.17 21.76 -16.41
C GLY C 157 -0.82 21.66 -15.26
N GLU C 158 -1.54 22.76 -15.03
CA GLU C 158 -2.55 22.84 -13.99
C GLU C 158 -3.80 23.48 -14.59
N PHE C 159 -4.92 23.37 -13.87
CA PHE C 159 -6.09 24.20 -14.15
C PHE C 159 -5.66 25.64 -14.17
N ALA C 160 -6.11 26.40 -15.15
CA ALA C 160 -5.81 27.82 -15.16
C ALA C 160 -6.41 28.49 -13.91
N PRO C 161 -5.69 29.44 -13.32
CA PRO C 161 -6.23 30.09 -12.14
C PRO C 161 -7.51 30.82 -12.47
N ASN C 162 -8.43 30.85 -11.51
CA ASN C 162 -9.70 31.52 -11.69
C ASN C 162 -10.43 31.64 -10.35
N PHE C 163 -10.11 32.67 -9.58
CA PHE C 163 -10.68 32.89 -8.25
C PHE C 163 -11.94 33.73 -8.34
N THR C 164 -13.03 33.23 -7.77
CA THR C 164 -14.29 33.96 -7.83
C THR C 164 -15.01 33.96 -6.50
N ARG C 165 -15.20 35.16 -5.95
CA ARG C 165 -16.02 35.33 -4.78
C ARG C 165 -17.42 35.44 -5.28
N LEU C 166 -18.30 34.53 -4.84
CA LEU C 166 -19.65 34.51 -5.38
C LEU C 166 -20.56 35.36 -4.53
N SER C 167 -20.37 35.25 -3.23
CA SER C 167 -21.15 36.00 -2.27
C SER C 167 -20.19 36.55 -1.23
N GLU C 168 -20.71 37.10 -0.14
CA GLU C 168 -19.83 37.63 0.90
C GLU C 168 -18.98 36.50 1.47
N HIS C 169 -19.57 35.33 1.61
CA HIS C 169 -18.88 34.24 2.24
C HIS C 169 -18.35 33.14 1.35
N ARG C 170 -18.99 32.91 0.24
CA ARG C 170 -18.63 31.76 -0.57
C ARG C 170 -17.82 32.12 -1.82
N PHE C 171 -16.89 31.24 -2.16
CA PHE C 171 -15.99 31.48 -3.27
C PHE C 171 -15.59 30.18 -3.96
N ALA C 172 -15.39 30.25 -5.27
CA ALA C 172 -15.07 29.07 -6.04
C ALA C 172 -13.78 29.27 -6.83
N THR C 173 -12.92 28.28 -6.77
CA THR C 173 -11.64 28.35 -7.44
C THR C 173 -11.07 26.97 -7.60
N PRO C 174 -10.27 26.78 -8.63
CA PRO C 174 -9.54 25.52 -8.60
C PRO C 174 -8.59 25.48 -7.40
N TYR C 175 -8.31 24.25 -6.95
CA TYR C 175 -7.23 23.94 -6.01
C TYR C 175 -7.42 24.46 -4.59
N LEU C 176 -8.65 24.48 -4.10
CA LEU C 176 -8.86 24.63 -2.66
C LEU C 176 -8.25 23.42 -1.97
N ASP C 177 -8.35 22.24 -2.60
CA ASP C 177 -7.62 21.05 -2.14
C ASP C 177 -6.21 21.12 -2.68
N ASP C 178 -5.23 21.41 -1.82
CA ASP C 178 -5.43 21.64 -0.40
C ASP C 178 -4.88 23.01 0.00
N ARG C 179 -4.86 23.94 -0.95
CA ARG C 179 -4.28 25.23 -0.65
C ARG C 179 -5.09 25.97 0.42
N ILE C 180 -6.37 25.62 0.56
CA ILE C 180 -7.24 26.32 1.50
C ILE C 180 -6.83 25.91 2.92
N CYS C 181 -6.39 24.67 3.11
CA CYS C 181 -5.96 24.24 4.43
C CYS C 181 -4.51 24.57 4.69
N LEU C 182 -3.72 24.58 3.63
CA LEU C 182 -2.36 25.06 3.73
C LEU C 182 -2.39 26.52 4.24
N TYR C 183 -3.28 27.33 3.67
CA TYR C 183 -3.43 28.72 4.10
C TYR C 183 -3.90 28.82 5.56
N ALA C 184 -4.89 28.03 5.92
CA ALA C 184 -5.40 28.06 7.29
C ALA C 184 -4.31 27.60 8.25
N MET C 185 -3.56 26.57 7.85
CA MET C 185 -2.52 26.02 8.70
C MET C 185 -1.42 27.04 8.94
N ILE C 186 -0.99 27.68 7.85
CA ILE C 186 0.04 28.71 7.90
C ILE C 186 -0.41 29.92 8.73
N GLU C 187 -1.65 30.32 8.52
CA GLU C 187 -2.23 31.43 9.26
C GLU C 187 -2.26 31.12 10.76
N ALA C 188 -2.64 29.91 11.12
CA ALA C 188 -2.70 29.54 12.53
C ALA C 188 -1.29 29.58 13.13
N ALA C 189 -0.31 29.19 12.34
CA ALA C 189 1.09 29.21 12.78
C ALA C 189 1.61 30.64 13.01
N ARG C 190 1.24 31.57 12.13
CA ARG C 190 1.61 32.97 12.30
C ARG C 190 1.05 33.53 13.60
N GLN C 191 -0.14 33.09 13.98
CA GLN C 191 -0.80 33.62 15.16
C GLN C 191 -0.49 32.79 16.40
N LEU C 192 0.38 31.82 16.26
CA LEU C 192 0.61 30.88 17.34
C LEU C 192 1.14 31.57 18.61
N GLY C 193 0.41 31.43 19.71
CA GLY C 193 0.82 31.97 20.98
C GLY C 193 1.66 31.00 21.79
N GLU C 194 1.39 31.00 23.09
CA GLU C 194 2.10 30.16 24.03
C GLU C 194 1.63 28.73 23.85
N HIS C 195 2.55 27.77 23.93
CA HIS C 195 2.17 26.38 23.82
C HIS C 195 3.16 25.48 24.53
N GLU C 196 2.65 24.49 25.25
CA GLU C 196 3.50 23.51 25.88
C GLU C 196 4.03 22.49 24.86
N ALA C 197 3.24 22.22 23.80
CA ALA C 197 3.56 21.17 22.81
C ALA C 197 4.78 21.47 21.93
N ASP C 198 5.51 20.43 21.55
CA ASP C 198 6.63 20.56 20.63
C ASP C 198 6.12 20.33 19.20
N ILE C 199 5.94 21.42 18.46
CA ILE C 199 5.15 21.43 17.22
C ILE C 199 5.94 21.42 15.92
N TYR C 200 5.62 20.49 15.04
CA TYR C 200 6.18 20.51 13.70
C TYR C 200 5.09 20.79 12.67
N ILE C 201 5.23 21.89 11.95
CA ILE C 201 4.29 22.26 10.89
C ILE C 201 4.89 21.79 9.57
N VAL C 202 4.19 20.87 8.91
CA VAL C 202 4.65 20.29 7.65
C VAL C 202 3.78 20.71 6.48
N ALA C 203 4.39 21.23 5.44
CA ALA C 203 3.66 21.42 4.21
C ALA C 203 4.06 20.24 3.34
N SER C 204 3.19 19.23 3.28
CA SER C 204 3.59 17.96 2.73
C SER C 204 3.50 17.98 1.24
N VAL C 205 4.18 16.99 0.70
CA VAL C 205 4.45 16.83 -0.70
C VAL C 205 3.74 15.55 -1.20
N GLN C 206 3.36 15.55 -2.49
CA GLN C 206 2.85 14.36 -3.15
C GLN C 206 1.73 13.62 -2.42
N GLU C 207 0.78 14.36 -1.85
CA GLU C 207 -0.31 13.72 -1.17
C GLU C 207 -1.33 13.11 -2.13
N GLU C 208 -1.57 13.77 -3.26
CA GLU C 208 -2.61 13.35 -4.20
C GLU C 208 -2.19 12.10 -4.98
N ILE C 209 -0.98 11.60 -4.74
CA ILE C 209 -0.56 10.36 -5.40
C ILE C 209 -0.01 9.34 -4.41
N GLY C 210 -0.62 9.21 -3.23
CA GLY C 210 -0.25 8.12 -2.34
C GLY C 210 0.26 8.53 -0.98
N LEU C 211 0.02 9.79 -0.62
CA LEU C 211 0.43 10.34 0.67
C LEU C 211 1.94 10.21 0.94
N ARG C 212 2.77 10.34 -0.08
CA ARG C 212 4.19 10.03 0.10
C ARG C 212 4.98 11.01 0.96
N GLY C 213 4.72 12.30 0.80
CA GLY C 213 5.39 13.31 1.60
C GLY C 213 5.24 13.11 3.09
N ALA C 214 4.00 13.09 3.56
CA ALA C 214 3.75 12.84 4.97
C ALA C 214 4.29 11.51 5.46
N ARG C 215 4.38 10.50 4.60
CA ARG C 215 4.90 9.19 5.04
C ARG C 215 6.33 9.34 5.51
N VAL C 216 7.08 10.11 4.72
CA VAL C 216 8.51 10.29 4.91
C VAL C 216 8.83 11.36 5.96
N ALA C 217 8.05 12.43 5.99
CA ALA C 217 8.26 13.47 6.99
C ALA C 217 7.91 12.91 8.35
N SER C 218 6.92 12.04 8.37
CA SER C 218 6.45 11.40 9.58
C SER C 218 7.57 10.58 10.19
N PHE C 219 8.37 9.99 9.32
CA PHE C 219 9.41 9.09 9.77
C PHE C 219 10.52 9.91 10.40
N ALA C 220 10.77 11.07 9.81
CA ALA C 220 11.84 11.96 10.23
C ALA C 220 11.57 12.61 11.58
N ILE C 221 10.36 13.13 11.72
CA ILE C 221 9.93 13.86 12.90
C ILE C 221 9.63 12.96 14.10
N ASP C 222 9.04 11.81 13.83
CA ASP C 222 8.60 10.86 14.86
C ASP C 222 7.70 11.45 15.95
N PRO C 223 6.50 11.92 15.58
CA PRO C 223 5.59 12.53 16.55
C PRO C 223 4.73 11.56 17.38
N GLU C 224 4.13 12.06 18.45
CA GLU C 224 3.19 11.30 19.27
C GLU C 224 1.77 11.63 18.84
N VAL C 225 1.61 12.81 18.26
CA VAL C 225 0.32 13.27 17.80
C VAL C 225 0.50 13.74 16.36
N GLY C 226 -0.45 13.40 15.51
CA GLY C 226 -0.37 13.76 14.11
C GLY C 226 -1.72 14.31 13.70
N ILE C 227 -1.74 15.48 13.07
CA ILE C 227 -3.01 16.07 12.65
C ILE C 227 -2.95 16.46 11.18
N ALA C 228 -3.91 15.98 10.41
CA ALA C 228 -3.97 16.28 8.99
C ALA C 228 -5.04 17.33 8.70
N MET C 229 -4.66 18.30 7.89
CA MET C 229 -5.60 19.34 7.45
C MET C 229 -5.78 19.21 5.93
N ASP C 230 -6.82 18.48 5.50
CA ASP C 230 -7.16 18.37 4.08
C ASP C 230 -8.56 18.94 3.95
N VAL C 231 -9.13 18.94 2.75
CA VAL C 231 -10.50 19.38 2.58
C VAL C 231 -11.39 18.17 2.63
N THR C 232 -12.69 18.36 2.83
CA THR C 232 -13.57 17.21 2.79
C THR C 232 -14.80 17.54 1.96
N PHE C 233 -15.60 16.52 1.66
CA PHE C 233 -16.80 16.73 0.85
C PHE C 233 -17.85 17.46 1.65
N ALA C 234 -18.53 18.39 0.99
CA ALA C 234 -19.62 19.10 1.62
C ALA C 234 -20.90 18.76 0.88
N LYS C 235 -22.01 18.82 1.59
CA LYS C 235 -23.33 18.56 1.01
C LYS C 235 -23.49 19.43 -0.22
N GLN C 236 -23.94 18.83 -1.32
CA GLN C 236 -24.03 19.51 -2.61
C GLN C 236 -25.17 18.88 -3.42
N PRO C 237 -25.51 19.46 -4.59
CA PRO C 237 -26.56 18.82 -5.41
C PRO C 237 -26.20 17.40 -5.85
N ASN C 238 -27.20 16.52 -5.88
CA ASN C 238 -27.07 15.14 -6.35
C ASN C 238 -26.16 14.26 -5.50
N ASP C 239 -26.00 14.58 -4.23
CA ASP C 239 -25.13 13.76 -3.39
C ASP C 239 -25.93 12.63 -2.77
N LYS C 240 -27.21 12.56 -3.14
CA LYS C 240 -28.10 11.52 -2.63
C LYS C 240 -28.21 11.56 -1.10
N GLY C 241 -27.92 12.72 -0.54
CA GLY C 241 -27.91 12.89 0.90
C GLY C 241 -26.90 12.02 1.62
N LYS C 242 -25.87 11.57 0.91
CA LYS C 242 -24.85 10.72 1.51
C LYS C 242 -23.62 11.49 2.02
N ILE C 243 -23.75 12.80 2.22
CA ILE C 243 -22.65 13.60 2.74
C ILE C 243 -23.07 14.38 3.98
N VAL C 244 -22.36 14.17 5.07
CA VAL C 244 -22.76 14.77 6.34
C VAL C 244 -22.37 16.25 6.47
N PRO C 245 -21.08 16.61 6.25
CA PRO C 245 -20.77 18.02 6.48
C PRO C 245 -21.45 19.00 5.52
N GLU C 246 -21.70 20.22 6.02
CA GLU C 246 -22.31 21.26 5.19
C GLU C 246 -21.51 22.54 5.23
N LEU C 247 -21.52 23.26 4.11
CA LEU C 247 -20.88 24.56 4.04
C LEU C 247 -21.43 25.53 5.06
N GLY C 248 -20.51 26.25 5.71
CA GLY C 248 -20.86 27.31 6.63
C GLY C 248 -21.18 26.87 8.06
N LYS C 249 -21.19 25.55 8.33
CA LYS C 249 -21.53 25.03 9.65
C LYS C 249 -20.31 24.61 10.44
N GLY C 250 -19.14 25.02 9.98
CA GLY C 250 -17.93 24.89 10.75
C GLY C 250 -16.93 23.90 10.22
N PRO C 251 -15.73 23.90 10.82
CA PRO C 251 -14.74 22.87 10.47
C PRO C 251 -15.26 21.48 10.75
N VAL C 252 -14.59 20.50 10.19
CA VAL C 252 -14.98 19.12 10.32
C VAL C 252 -13.86 18.32 10.97
N MET C 253 -14.21 17.44 11.89
CA MET C 253 -13.27 16.47 12.39
C MET C 253 -13.92 15.11 12.38
N ASP C 254 -13.36 14.20 11.57
CA ASP C 254 -13.86 12.84 11.39
C ASP C 254 -13.92 12.08 12.69
N VAL C 255 -14.71 11.04 12.66
CA VAL C 255 -14.65 10.08 13.73
C VAL C 255 -14.52 8.72 13.03
N GLY C 256 -13.85 7.76 13.68
CA GLY C 256 -13.62 6.48 13.05
C GLY C 256 -12.23 5.90 13.35
N PRO C 257 -11.90 4.77 12.72
CA PRO C 257 -10.68 4.00 13.01
C PRO C 257 -9.39 4.80 12.83
N ASN C 258 -9.37 5.77 11.94
CA ASN C 258 -8.14 6.54 11.68
C ASN C 258 -8.02 7.63 12.73
N ILE C 259 -9.07 7.80 13.53
CA ILE C 259 -9.15 8.86 14.52
C ILE C 259 -9.00 8.33 15.95
N ASN C 260 -7.90 8.68 16.61
CA ASN C 260 -7.68 8.33 18.01
C ASN C 260 -8.77 8.86 18.95
N PRO C 261 -9.40 7.99 19.74
CA PRO C 261 -10.57 8.47 20.48
C PRO C 261 -10.28 9.57 21.48
N LYS C 262 -9.19 9.45 22.22
CA LYS C 262 -8.90 10.44 23.24
C LYS C 262 -8.45 11.76 22.64
N LEU C 263 -7.70 11.74 21.55
CA LEU C 263 -7.38 12.99 20.86
C LEU C 263 -8.62 13.69 20.32
N ARG C 264 -9.54 12.92 19.74
CA ARG C 264 -10.78 13.45 19.18
C ARG C 264 -11.69 14.03 20.26
N GLN C 265 -11.73 13.39 21.42
CA GLN C 265 -12.47 13.89 22.58
C GLN C 265 -11.96 15.27 22.99
N PHE C 266 -10.64 15.34 23.12
CA PHE C 266 -9.92 16.54 23.49
C PHE C 266 -10.26 17.70 22.56
N ALA C 267 -10.11 17.48 21.26
CA ALA C 267 -10.40 18.53 20.29
C ALA C 267 -11.84 18.98 20.43
N ASP C 268 -12.72 18.06 20.80
CA ASP C 268 -14.12 18.43 20.99
C ASP C 268 -14.26 19.44 22.13
N GLU C 269 -13.66 19.14 23.26
CA GLU C 269 -13.70 20.05 24.39
C GLU C 269 -13.00 21.37 24.11
N VAL C 270 -11.88 21.35 23.36
CA VAL C 270 -11.22 22.60 22.97
C VAL C 270 -12.22 23.47 22.21
N ALA C 271 -12.92 22.86 21.25
CA ALA C 271 -13.94 23.56 20.48
C ALA C 271 -15.04 24.10 21.36
N LYS C 272 -15.51 23.30 22.32
CA LYS C 272 -16.55 23.77 23.21
C LYS C 272 -16.09 25.01 24.01
N LYS C 273 -14.88 24.96 24.54
CA LYS C 273 -14.35 26.03 25.36
C LYS C 273 -14.18 27.32 24.59
N TYR C 274 -13.70 27.21 23.36
CA TYR C 274 -13.51 28.38 22.53
C TYR C 274 -14.76 28.69 21.72
N GLU C 275 -15.80 27.88 21.92
CA GLU C 275 -17.07 28.01 21.21
C GLU C 275 -16.95 28.09 19.69
N ILE C 276 -16.17 27.17 19.11
CA ILE C 276 -16.05 27.07 17.67
C ILE C 276 -16.89 25.87 17.23
N PRO C 277 -17.84 26.07 16.31
CA PRO C 277 -18.67 24.99 15.76
C PRO C 277 -17.84 23.87 15.14
N LEU C 278 -18.18 22.63 15.45
CA LEU C 278 -17.41 21.50 14.97
C LEU C 278 -18.31 20.41 14.39
N GLN C 279 -18.06 20.05 13.13
CA GLN C 279 -18.90 19.05 12.51
C GLN C 279 -18.27 17.67 12.64
N VAL C 280 -19.13 16.66 12.63
CA VAL C 280 -18.65 15.29 12.63
C VAL C 280 -18.73 14.71 11.22
N GLU C 281 -17.69 14.01 10.81
CA GLU C 281 -17.75 13.24 9.58
C GLU C 281 -17.51 11.78 9.91
N PRO C 282 -18.49 10.91 9.60
CA PRO C 282 -18.32 9.48 9.83
C PRO C 282 -17.35 8.87 8.82
N SER C 283 -16.22 8.36 9.29
CA SER C 283 -15.21 7.80 8.42
C SER C 283 -14.84 6.37 8.84
N PRO C 284 -15.46 5.37 8.20
CA PRO C 284 -15.26 3.97 8.61
C PRO C 284 -13.97 3.37 8.04
N ARG C 285 -13.33 4.05 7.10
CA ARG C 285 -12.09 3.55 6.51
C ARG C 285 -10.90 4.44 6.90
N PRO C 286 -9.67 3.90 6.80
CA PRO C 286 -8.52 4.79 6.83
C PRO C 286 -8.68 5.90 5.80
N THR C 287 -8.45 7.14 6.19
CA THR C 287 -8.81 8.30 5.39
C THR C 287 -7.92 8.47 4.17
N GLY C 288 -8.38 9.23 3.19
CA GLY C 288 -7.52 9.62 2.07
C GLY C 288 -6.80 10.92 2.34
N THR C 289 -6.18 11.01 3.52
CA THR C 289 -5.38 12.17 3.95
C THR C 289 -4.05 11.76 4.55
N ASP C 290 -3.17 12.73 4.80
CA ASP C 290 -1.87 12.46 5.41
C ASP C 290 -1.99 11.73 6.76
N ALA C 291 -3.16 11.79 7.37
CA ALA C 291 -3.38 11.10 8.65
C ALA C 291 -3.34 9.59 8.50
N ASN C 292 -3.63 9.10 7.30
CA ASN C 292 -3.57 7.67 7.05
C ASN C 292 -2.15 7.14 7.33
N VAL C 293 -1.15 7.72 6.67
CA VAL C 293 0.22 7.24 6.85
C VAL C 293 0.86 7.72 8.16
N MET C 294 0.37 8.82 8.73
CA MET C 294 0.90 9.26 10.02
C MET C 294 0.54 8.26 11.09
N GLN C 295 -0.71 7.79 11.07
CA GLN C 295 -1.18 6.86 12.09
C GLN C 295 -0.37 5.58 12.15
N ILE C 296 0.09 5.08 11.00
CA ILE C 296 0.85 3.83 10.99
C ILE C 296 2.37 4.06 10.89
N ASN C 297 2.78 5.30 11.19
CA ASN C 297 4.18 5.63 11.27
C ASN C 297 4.85 5.03 12.50
N ARG C 298 5.97 4.35 12.28
CA ARG C 298 6.81 3.78 13.33
C ARG C 298 6.04 2.93 14.33
N GLU C 299 6.00 3.35 15.60
CA GLU C 299 5.34 2.56 16.63
C GLU C 299 3.88 2.95 16.78
N GLY C 300 3.37 3.79 15.89
CA GLY C 300 2.00 4.24 15.98
C GLY C 300 1.94 5.67 16.43
N VAL C 301 0.93 6.40 15.97
CA VAL C 301 0.75 7.81 16.30
C VAL C 301 -0.72 8.06 16.56
N ALA C 302 -1.01 8.92 17.54
CA ALA C 302 -2.38 9.34 17.79
C ALA C 302 -2.79 10.43 16.78
N THR C 303 -3.75 10.11 15.93
CA THR C 303 -4.05 10.96 14.78
C THR C 303 -5.49 11.48 14.72
N ALA C 304 -5.66 12.57 14.00
CA ALA C 304 -6.98 13.10 13.74
C ALA C 304 -6.96 13.87 12.42
N VAL C 305 -8.16 14.19 11.95
CA VAL C 305 -8.32 14.92 10.72
C VAL C 305 -9.12 16.16 11.05
N LEU C 306 -8.59 17.30 10.62
CA LEU C 306 -9.27 18.58 10.77
C LEU C 306 -9.44 19.14 9.37
N SER C 307 -10.68 19.29 8.91
CA SER C 307 -10.83 19.65 7.50
C SER C 307 -11.82 20.78 7.26
N ILE C 308 -11.63 21.44 6.12
CA ILE C 308 -12.58 22.45 5.65
C ILE C 308 -13.47 21.79 4.62
N PRO C 309 -14.79 21.88 4.79
CA PRO C 309 -15.70 21.28 3.81
C PRO C 309 -15.79 22.09 2.54
N ILE C 310 -15.70 21.41 1.41
CA ILE C 310 -15.89 22.06 0.12
C ILE C 310 -16.82 21.25 -0.77
N ARG C 311 -17.44 21.95 -1.72
CA ARG C 311 -18.18 21.34 -2.80
C ARG C 311 -17.33 21.17 -4.04
N TYR C 312 -17.68 20.18 -4.86
CA TYR C 312 -17.09 20.00 -6.19
C TYR C 312 -15.60 19.66 -6.18
N MET C 313 -15.23 18.87 -5.19
CA MET C 313 -13.89 18.30 -5.03
C MET C 313 -13.20 17.91 -6.33
N HIS C 314 -11.95 18.36 -6.49
CA HIS C 314 -11.11 18.03 -7.65
C HIS C 314 -11.62 18.59 -8.99
N SER C 315 -12.21 19.78 -8.96
CA SER C 315 -12.57 20.46 -10.20
C SER C 315 -12.16 21.94 -10.15
N GLN C 316 -12.30 22.62 -11.27
CA GLN C 316 -11.93 24.02 -11.41
C GLN C 316 -12.83 24.92 -10.61
N VAL C 317 -13.79 24.32 -9.93
CA VAL C 317 -14.85 25.09 -9.35
C VAL C 317 -15.15 24.74 -7.88
N GLU C 318 -14.16 24.15 -7.20
CA GLU C 318 -14.19 23.88 -5.76
C GLU C 318 -14.69 25.10 -4.97
N LEU C 319 -15.62 24.86 -4.04
CA LEU C 319 -16.34 25.96 -3.42
C LEU C 319 -16.38 25.81 -1.92
N ALA C 320 -16.01 26.87 -1.22
CA ALA C 320 -15.91 26.85 0.23
C ALA C 320 -16.67 28.00 0.83
N ASP C 321 -16.77 28.01 2.16
CA ASP C 321 -17.38 29.11 2.90
C ASP C 321 -16.35 29.76 3.84
N ALA C 322 -16.16 31.07 3.72
CA ALA C 322 -15.09 31.73 4.47
C ALA C 322 -15.27 31.63 5.98
N ARG C 323 -16.50 31.46 6.45
CA ARG C 323 -16.73 31.26 7.87
C ARG C 323 -16.13 29.95 8.39
N ASP C 324 -16.08 28.94 7.53
CA ASP C 324 -15.47 27.68 7.91
C ASP C 324 -13.96 27.83 7.93
N VAL C 325 -13.44 28.62 7.01
CA VAL C 325 -12.00 28.86 6.95
C VAL C 325 -11.51 29.56 8.22
N ASP C 326 -12.13 30.65 8.56
CA ASP C 326 -11.83 31.37 9.77
C ASP C 326 -11.89 30.49 11.01
N ASN C 327 -12.99 29.79 11.18
CA ASN C 327 -13.14 28.89 12.31
C ASN C 327 -12.09 27.78 12.34
N THR C 328 -11.61 27.38 11.17
CA THR C 328 -10.59 26.35 11.10
C THR C 328 -9.27 26.89 11.61
N ILE C 329 -8.97 28.14 11.28
CA ILE C 329 -7.78 28.77 11.80
C ILE C 329 -7.84 28.84 13.32
N LYS C 330 -8.99 29.22 13.86
CA LYS C 330 -9.14 29.37 15.31
C LYS C 330 -8.98 28.07 16.05
N LEU C 331 -9.61 27.01 15.55
CA LEU C 331 -9.56 25.72 16.21
C LEU C 331 -8.17 25.10 16.11
N ALA C 332 -7.53 25.30 14.97
CA ALA C 332 -6.16 24.84 14.79
C ALA C 332 -5.22 25.49 15.81
N LYS C 333 -5.33 26.81 15.94
CA LYS C 333 -4.57 27.58 16.90
C LYS C 333 -4.83 27.13 18.34
N ALA C 334 -6.10 27.08 18.71
CA ALA C 334 -6.50 26.71 20.06
C ALA C 334 -6.01 25.31 20.43
N LEU C 335 -6.16 24.37 19.51
CA LEU C 335 -5.69 22.99 19.73
C LEU C 335 -4.20 22.91 19.98
N LEU C 336 -3.43 23.67 19.19
CA LEU C 336 -1.97 23.64 19.30
C LEU C 336 -1.48 24.25 20.63
N GLU C 337 -2.24 25.18 21.15
CA GLU C 337 -1.93 25.85 22.41
C GLU C 337 -2.38 25.08 23.65
N GLU C 338 -3.49 24.35 23.50
CA GLU C 338 -4.12 23.63 24.61
C GLU C 338 -3.56 22.23 24.78
N LEU C 339 -2.90 21.76 23.73
CA LEU C 339 -2.35 20.42 23.71
C LEU C 339 -1.29 20.30 24.80
N LYS C 340 -1.41 19.25 25.61
CA LYS C 340 -0.49 18.99 26.71
C LYS C 340 -0.28 17.48 26.82
N PRO C 341 0.75 17.04 27.56
CA PRO C 341 0.94 15.60 27.73
C PRO C 341 -0.29 14.92 28.30
N MET C 342 -0.52 13.71 27.82
CA MET C 342 -1.84 13.14 27.92
C MET C 342 -1.80 11.66 27.63
N ASP C 343 -2.79 10.93 28.10
CA ASP C 343 -2.85 9.51 27.83
C ASP C 343 -3.71 9.29 26.61
N PHE C 344 -3.10 8.83 25.53
CA PHE C 344 -3.84 8.64 24.29
C PHE C 344 -4.29 7.20 24.12
N THR C 345 -3.78 6.32 24.98
CA THR C 345 -4.19 4.92 24.97
C THR C 345 -5.69 4.81 24.90
N PRO C 346 -6.19 4.13 23.86
CA PRO C 346 -7.61 3.99 23.58
C PRO C 346 -8.40 3.62 24.83
ZN ZN D . 10.34 -5.44 -13.51
CO CO E . 7.38 -6.69 -14.31
CL CL F . 8.64 -3.98 -12.87
GD GD G . 17.85 8.35 10.36
GD GD H . 28.86 -8.32 -34.47
GD GD I . -13.02 -18.51 -12.66
ZN ZN J . -8.70 -12.28 9.46
CO CO K . -11.23 -10.96 7.74
CL CL L . -7.62 -11.73 7.37
GD GD M . 2.08 -42.32 17.66
GD GD N . 15.62 -26.79 31.39
GD GD O . 18.25 -2.37 12.99
GD GD P . -25.36 3.17 -3.77
ZN ZN Q . -6.40 16.54 -0.23
CO CO R . -7.36 15.50 -3.18
CL CL S . -6.97 14.20 0.04
GD GD T . -19.98 32.48 25.37
GD GD U . 15.61 27.74 -30.46
GD GD V . 11.25 4.63 18.42
GD GD W . -7.97 5.00 -23.95
N1 DO3 X . -18.55 33.63 27.79
N2 DO3 X . -20.60 35.26 26.41
N3 DO3 X . -22.29 32.87 26.84
N4 DO3 X . -20.06 31.18 27.32
O1 DO3 X . -17.48 33.42 25.07
O3 DO3 X . -19.79 34.33 23.70
O5 DO3 X . -21.97 31.35 24.25
C1 DO3 X . -19.15 34.79 28.49
C2 DO3 X . -19.74 35.82 27.56
C3 DO3 X . -22.01 35.35 26.84
C4 DO3 X . -22.62 34.09 27.46
C5 DO3 X . -22.37 31.83 27.88
C6 DO3 X . -21.24 30.89 28.09
C7 DO3 X . -18.94 31.18 28.31
C8 DO3 X . -18.48 32.58 28.78
C9 DO3 X . -16.72 33.30 26.09
C10 DO3 X . -17.20 33.97 27.34
C11 DO3 X . -20.50 35.38 23.90
C12 DO3 X . -20.34 36.10 25.20
C13 DO3 X . -22.71 32.37 24.39
C14 DO3 X . -23.27 32.59 25.76
O2 DO3 X . -15.69 32.69 26.10
O4 DO3 X . -21.31 35.84 23.06
O6 DO3 X . -23.00 33.15 23.50
#